data_4D7X
#
_entry.id   4D7X
#
_cell.length_a   1.000
_cell.length_b   1.000
_cell.length_c   1.000
_cell.angle_alpha   90.00
_cell.angle_beta   90.00
_cell.angle_gamma   90.00
#
_symmetry.space_group_name_H-M   'P 1'
#
_entity_poly.entity_id   1
_entity_poly.type   'polypeptide(L)'
_entity_poly.pdbx_seq_one_letter_code
;MSSKETIPMHQRSQNVAELLTVLMDINKINGGDSTTAEKMKVHAKSFEAALFEKSSSKEEYQKTMKSKIDAMRSTRDKRK
RESVGS
;
_entity_poly.pdbx_strand_id   A
#
# COMPACT_ATOMS: atom_id res chain seq x y z
N MET A 1 -7.38 -23.07 -4.19
CA MET A 1 -8.75 -22.74 -4.63
C MET A 1 -8.72 -21.84 -5.85
N SER A 2 -9.66 -22.02 -6.79
CA SER A 2 -9.73 -21.26 -8.05
C SER A 2 -9.96 -19.74 -7.90
N SER A 3 -10.29 -19.26 -6.70
CA SER A 3 -10.34 -17.83 -6.39
C SER A 3 -8.99 -17.13 -6.67
N LYS A 4 -7.89 -17.73 -6.22
CA LYS A 4 -6.52 -17.28 -6.50
C LYS A 4 -6.20 -17.20 -8.01
N GLU A 5 -6.94 -17.97 -8.81
CA GLU A 5 -6.78 -18.05 -10.26
C GLU A 5 -7.70 -17.06 -11.01
N THR A 6 -8.63 -16.38 -10.32
CA THR A 6 -9.72 -15.60 -10.94
C THR A 6 -10.00 -14.22 -10.30
N ILE A 7 -9.32 -13.83 -9.22
CA ILE A 7 -9.58 -12.63 -8.42
C ILE A 7 -9.63 -11.35 -9.29
N PRO A 8 -10.72 -10.56 -9.25
CA PRO A 8 -10.91 -9.38 -10.10
C PRO A 8 -9.84 -8.29 -9.90
N MET A 9 -9.36 -7.68 -10.99
CA MET A 9 -8.51 -6.49 -10.87
C MET A 9 -9.26 -5.32 -10.22
N HIS A 10 -10.58 -5.18 -10.42
CA HIS A 10 -11.34 -4.13 -9.71
C HIS A 10 -11.29 -4.28 -8.17
N GLN A 11 -11.26 -5.52 -7.67
CA GLN A 11 -11.08 -5.83 -6.24
C GLN A 11 -9.66 -5.55 -5.77
N ARG A 12 -8.63 -5.93 -6.56
CA ARG A 12 -7.23 -5.60 -6.26
C ARG A 12 -7.05 -4.08 -6.20
N SER A 13 -7.51 -3.34 -7.20
CA SER A 13 -7.43 -1.87 -7.23
C SER A 13 -8.13 -1.21 -6.03
N GLN A 14 -9.25 -1.76 -5.53
CA GLN A 14 -9.92 -1.21 -4.34
C GLN A 14 -9.12 -1.43 -3.04
N ASN A 15 -8.37 -2.54 -2.96
CA ASN A 15 -7.46 -2.85 -1.84
C ASN A 15 -6.13 -2.06 -1.90
N VAL A 16 -5.50 -1.99 -3.08
CA VAL A 16 -4.37 -1.09 -3.41
C VAL A 16 -4.72 0.36 -3.08
N ALA A 17 -5.96 0.79 -3.28
CA ALA A 17 -6.38 2.14 -2.96
C ALA A 17 -6.38 2.47 -1.44
N GLU A 18 -6.45 1.49 -0.53
CA GLU A 18 -6.27 1.72 0.91
C GLU A 18 -4.79 1.94 1.30
N LEU A 19 -3.87 1.21 0.65
CA LEU A 19 -2.42 1.42 0.66
C LEU A 19 -2.06 2.80 0.09
N LEU A 20 -2.64 3.18 -1.06
CA LEU A 20 -2.48 4.46 -1.73
C LEU A 20 -2.74 5.64 -0.77
N THR A 21 -3.86 5.59 -0.04
CA THR A 21 -4.25 6.61 0.95
C THR A 21 -3.25 6.75 2.10
N VAL A 22 -2.62 5.66 2.55
CA VAL A 22 -1.54 5.70 3.57
C VAL A 22 -0.25 6.28 3.00
N LEU A 23 0.11 5.97 1.74
CA LEU A 23 1.28 6.59 1.09
C LEU A 23 1.07 8.09 0.81
N MET A 24 -0.14 8.48 0.43
CA MET A 24 -0.57 9.88 0.28
C MET A 24 -0.51 10.64 1.62
N ASP A 25 -0.75 9.95 2.74
CA ASP A 25 -0.54 10.46 4.10
C ASP A 25 0.96 10.73 4.40
N ILE A 26 1.89 9.95 3.85
CA ILE A 26 3.34 10.23 4.00
C ILE A 26 3.69 11.52 3.25
N ASN A 27 3.09 11.75 2.07
CA ASN A 27 3.32 12.96 1.29
C ASN A 27 2.79 14.22 2.00
N LYS A 28 1.74 14.10 2.82
CA LYS A 28 1.28 15.12 3.77
C LYS A 28 2.26 15.31 4.94
N ILE A 29 2.59 14.23 5.66
CA ILE A 29 3.41 14.27 6.90
C ILE A 29 4.85 14.75 6.66
N ASN A 30 5.47 14.38 5.54
CA ASN A 30 6.81 14.83 5.13
C ASN A 30 6.77 16.14 4.30
N GLY A 31 5.58 16.61 3.90
CA GLY A 31 5.38 17.82 3.11
C GLY A 31 6.04 17.83 1.75
N GLY A 32 5.78 16.77 0.98
CA GLY A 32 6.19 16.63 -0.41
C GLY A 32 5.26 17.31 -1.42
N ASP A 33 5.51 17.02 -2.68
CA ASP A 33 4.91 17.63 -3.88
C ASP A 33 3.90 16.72 -4.62
N SER A 34 3.09 17.30 -5.51
CA SER A 34 2.19 16.61 -6.45
C SER A 34 2.87 15.51 -7.28
N THR A 35 4.10 15.74 -7.74
CA THR A 35 4.91 14.75 -8.46
C THR A 35 5.41 13.62 -7.55
N THR A 36 5.66 13.91 -6.28
CA THR A 36 5.99 12.92 -5.26
C THR A 36 4.76 12.08 -4.89
N ALA A 37 3.56 12.65 -4.95
CA ALA A 37 2.29 11.93 -4.88
C ALA A 37 2.04 11.04 -6.12
N GLU A 38 2.51 11.44 -7.31
CA GLU A 38 2.58 10.53 -8.47
C GLU A 38 3.56 9.36 -8.24
N LYS A 39 4.74 9.59 -7.63
CA LYS A 39 5.62 8.51 -7.16
C LYS A 39 4.93 7.58 -6.13
N MET A 40 4.08 8.09 -5.23
CA MET A 40 3.30 7.23 -4.32
C MET A 40 2.35 6.28 -5.08
N LYS A 41 1.68 6.77 -6.13
CA LYS A 41 0.86 5.92 -7.02
C LYS A 41 1.69 4.82 -7.69
N VAL A 42 2.88 5.17 -8.19
CA VAL A 42 3.85 4.23 -8.81
C VAL A 42 4.35 3.18 -7.80
N HIS A 43 4.55 3.54 -6.53
CA HIS A 43 5.02 2.65 -5.48
C HIS A 43 3.96 1.61 -5.16
N ALA A 44 2.69 2.04 -5.05
CA ALA A 44 1.56 1.12 -4.87
C ALA A 44 1.41 0.15 -6.05
N LYS A 45 1.45 0.64 -7.29
CA LYS A 45 1.31 -0.18 -8.52
C LYS A 45 2.52 -1.07 -8.80
N SER A 46 3.71 -0.74 -8.30
CA SER A 46 4.87 -1.64 -8.29
C SER A 46 4.73 -2.72 -7.20
N PHE A 47 4.27 -2.35 -5.99
CA PHE A 47 3.99 -3.30 -4.91
C PHE A 47 2.93 -4.33 -5.32
N GLU A 48 1.84 -3.88 -5.94
CA GLU A 48 0.72 -4.69 -6.44
C GLU A 48 1.22 -5.82 -7.36
N ALA A 49 1.96 -5.40 -8.38
CA ALA A 49 2.56 -6.26 -9.39
C ALA A 49 3.61 -7.23 -8.81
N ALA A 50 4.35 -6.81 -7.78
CA ALA A 50 5.37 -7.62 -7.12
C ALA A 50 4.77 -8.59 -6.09
N LEU A 51 3.61 -8.26 -5.51
CA LEU A 51 2.81 -9.19 -4.70
C LEU A 51 2.10 -10.23 -5.59
N PHE A 52 1.66 -9.83 -6.79
CA PHE A 52 1.07 -10.74 -7.78
C PHE A 52 2.04 -11.86 -8.20
N GLU A 53 3.35 -11.61 -8.18
CA GLU A 53 4.39 -12.64 -8.42
C GLU A 53 4.43 -13.76 -7.36
N LYS A 54 3.96 -13.47 -6.13
CA LYS A 54 3.97 -14.36 -4.94
C LYS A 54 2.57 -14.72 -4.38
N SER A 55 1.52 -14.40 -5.14
CA SER A 55 0.07 -14.56 -4.92
C SER A 55 -0.53 -15.94 -4.53
N SER A 56 0.24 -16.92 -4.03
CA SER A 56 -0.13 -18.36 -4.02
C SER A 56 -1.40 -18.78 -3.22
N SER A 57 -2.04 -17.86 -2.50
CA SER A 57 -3.45 -17.95 -2.09
C SER A 57 -4.06 -16.54 -2.08
N LYS A 58 -5.38 -16.41 -2.30
CA LYS A 58 -6.10 -15.13 -2.13
C LYS A 58 -5.94 -14.60 -0.70
N GLU A 59 -5.96 -15.48 0.30
CA GLU A 59 -5.73 -15.10 1.70
C GLU A 59 -4.28 -14.68 1.98
N GLU A 60 -3.31 -15.13 1.19
CA GLU A 60 -1.91 -14.67 1.30
C GLU A 60 -1.71 -13.31 0.62
N TYR A 61 -2.33 -13.08 -0.54
CA TYR A 61 -2.39 -11.75 -1.18
C TYR A 61 -3.09 -10.74 -0.25
N GLN A 62 -4.28 -11.08 0.26
CA GLN A 62 -5.07 -10.21 1.14
C GLN A 62 -4.37 -9.93 2.49
N LYS A 63 -3.78 -10.94 3.16
CA LYS A 63 -3.09 -10.73 4.44
C LYS A 63 -1.76 -10.01 4.26
N THR A 64 -1.01 -10.28 3.19
CA THR A 64 0.25 -9.56 2.92
C THR A 64 -0.01 -8.09 2.60
N MET A 65 -1.09 -7.77 1.87
CA MET A 65 -1.53 -6.39 1.65
C MET A 65 -1.88 -5.71 2.99
N LYS A 66 -2.67 -6.38 3.84
CA LYS A 66 -3.03 -5.89 5.19
C LYS A 66 -1.77 -5.64 6.04
N SER A 67 -0.79 -6.54 6.02
CA SER A 67 0.45 -6.43 6.76
C SER A 67 1.42 -5.38 6.21
N LYS A 68 1.34 -5.06 4.90
CA LYS A 68 2.05 -3.92 4.28
C LYS A 68 1.41 -2.59 4.67
N ILE A 69 0.07 -2.54 4.68
CA ILE A 69 -0.70 -1.40 5.20
C ILE A 69 -0.35 -1.16 6.69
N ASP A 70 -0.26 -2.22 7.51
CA ASP A 70 0.17 -2.16 8.91
C ASP A 70 1.60 -1.62 9.10
N ALA A 71 2.54 -2.02 8.22
CA ALA A 71 3.91 -1.51 8.24
C ALA A 71 3.98 -0.02 7.84
N MET A 72 3.20 0.40 6.84
CA MET A 72 3.16 1.79 6.39
C MET A 72 2.38 2.70 7.36
N ARG A 73 1.27 2.21 7.95
CA ARG A 73 0.54 2.83 9.06
C ARG A 73 1.51 3.11 10.22
N SER A 74 2.26 2.08 10.64
CA SER A 74 3.26 2.21 11.71
C SER A 74 4.37 3.19 11.32
N THR A 75 4.72 3.25 10.04
CA THR A 75 5.70 4.21 9.53
C THR A 75 5.19 5.66 9.56
N ARG A 76 3.89 5.95 9.37
CA ARG A 76 3.32 7.31 9.62
C ARG A 76 3.67 7.82 11.01
N ASP A 77 3.50 6.93 11.98
CA ASP A 77 3.76 7.19 13.41
C ASP A 77 5.26 7.39 13.69
N LYS A 78 6.11 6.61 13.01
CA LYS A 78 7.59 6.71 13.09
C LYS A 78 8.11 8.01 12.56
N ARG A 79 7.68 8.36 11.35
CA ARG A 79 7.95 9.66 10.72
C ARG A 79 7.42 10.83 11.55
N LYS A 80 6.46 10.61 12.46
CA LYS A 80 5.96 11.63 13.41
C LYS A 80 6.92 11.82 14.60
N ARG A 81 7.51 10.74 15.11
CA ARG A 81 8.54 10.81 16.17
C ARG A 81 9.80 11.51 15.67
N GLU A 82 10.19 11.17 14.46
CA GLU A 82 11.30 11.80 13.71
C GLU A 82 11.03 13.25 13.26
N SER A 83 9.77 13.69 13.21
CA SER A 83 9.41 15.06 12.77
C SER A 83 9.08 16.01 13.93
N VAL A 84 8.38 15.53 14.96
CA VAL A 84 7.85 16.36 16.08
C VAL A 84 8.01 15.74 17.49
N GLY A 85 8.47 14.49 17.61
CA GLY A 85 8.67 13.82 18.91
C GLY A 85 7.39 13.37 19.62
N SER A 86 6.29 13.15 18.87
CA SER A 86 4.97 12.72 19.38
C SER A 86 4.70 11.24 19.09
N MET A 1 -2.09 -21.86 -6.68
CA MET A 1 -3.56 -21.86 -6.54
C MET A 1 -4.18 -20.97 -7.61
N SER A 2 -5.04 -21.52 -8.47
CA SER A 2 -5.66 -20.80 -9.60
C SER A 2 -6.67 -19.72 -9.18
N SER A 3 -7.06 -19.72 -7.90
CA SER A 3 -7.90 -18.71 -7.22
C SER A 3 -7.45 -17.26 -7.41
N LYS A 4 -6.13 -17.02 -7.55
CA LYS A 4 -5.55 -15.68 -7.74
C LYS A 4 -6.22 -14.89 -8.86
N GLU A 5 -6.63 -15.59 -9.92
CA GLU A 5 -7.23 -15.00 -11.11
C GLU A 5 -8.70 -14.59 -10.96
N THR A 6 -9.40 -15.00 -9.91
CA THR A 6 -10.83 -14.70 -9.72
C THR A 6 -11.06 -13.39 -8.94
N ILE A 7 -10.02 -12.87 -8.28
CA ILE A 7 -10.08 -11.72 -7.38
C ILE A 7 -10.56 -10.46 -8.14
N PRO A 8 -11.75 -9.90 -7.81
CA PRO A 8 -12.35 -8.82 -8.60
C PRO A 8 -11.47 -7.57 -8.67
N MET A 9 -11.40 -6.93 -9.83
CA MET A 9 -10.64 -5.69 -10.02
C MET A 9 -11.16 -4.54 -9.14
N HIS A 10 -12.46 -4.52 -8.84
CA HIS A 10 -13.04 -3.63 -7.83
C HIS A 10 -12.44 -3.87 -6.43
N GLN A 11 -12.31 -5.13 -6.00
CA GLN A 11 -11.75 -5.47 -4.68
C GLN A 11 -10.25 -5.18 -4.60
N ARG A 12 -9.49 -5.47 -5.66
CA ARG A 12 -8.09 -5.05 -5.78
C ARG A 12 -7.95 -3.56 -5.62
N SER A 13 -8.69 -2.80 -6.43
CA SER A 13 -8.66 -1.33 -6.40
C SER A 13 -9.04 -0.77 -5.02
N GLN A 14 -10.01 -1.39 -4.34
CA GLN A 14 -10.42 -1.05 -2.97
C GLN A 14 -9.34 -1.39 -1.90
N ASN A 15 -8.48 -2.38 -2.16
CA ASN A 15 -7.29 -2.67 -1.38
C ASN A 15 -6.12 -1.70 -1.68
N VAL A 16 -5.83 -1.45 -2.97
CA VAL A 16 -4.85 -0.46 -3.43
C VAL A 16 -5.19 0.93 -2.88
N ALA A 17 -6.46 1.32 -2.86
CA ALA A 17 -6.86 2.64 -2.36
C ALA A 17 -6.59 2.81 -0.84
N GLU A 18 -6.67 1.72 -0.06
CA GLU A 18 -6.37 1.69 1.37
C GLU A 18 -4.86 1.88 1.64
N LEU A 19 -4.01 1.32 0.77
CA LEU A 19 -2.56 1.54 0.68
C LEU A 19 -2.22 2.97 0.18
N LEU A 20 -2.85 3.42 -0.91
CA LEU A 20 -2.55 4.69 -1.58
C LEU A 20 -2.83 5.87 -0.63
N THR A 21 -3.97 5.84 0.08
CA THR A 21 -4.33 6.85 1.09
C THR A 21 -3.26 6.94 2.20
N VAL A 22 -2.66 5.82 2.60
CA VAL A 22 -1.58 5.78 3.61
C VAL A 22 -0.27 6.32 3.05
N LEU A 23 0.11 6.00 1.81
CA LEU A 23 1.31 6.58 1.18
C LEU A 23 1.15 8.08 0.92
N MET A 24 -0.05 8.52 0.55
CA MET A 24 -0.44 9.94 0.44
C MET A 24 -0.33 10.65 1.80
N ASP A 25 -0.65 9.98 2.91
CA ASP A 25 -0.42 10.49 4.26
C ASP A 25 1.08 10.71 4.56
N ILE A 26 1.98 9.84 4.06
CA ILE A 26 3.44 10.02 4.21
C ILE A 26 3.88 11.27 3.44
N ASN A 27 3.37 11.44 2.22
CA ASN A 27 3.70 12.59 1.37
C ASN A 27 3.19 13.91 1.96
N LYS A 28 1.97 13.94 2.52
CA LYS A 28 1.40 15.09 3.24
C LYS A 28 2.19 15.42 4.51
N ILE A 29 2.46 14.43 5.37
CA ILE A 29 3.11 14.63 6.68
C ILE A 29 4.59 14.98 6.51
N ASN A 30 5.33 14.29 5.64
CA ASN A 30 6.75 14.58 5.40
C ASN A 30 6.97 15.80 4.49
N GLY A 31 5.99 16.18 3.69
CA GLY A 31 6.03 17.36 2.82
C GLY A 31 7.02 17.24 1.67
N GLY A 32 6.92 16.12 0.93
CA GLY A 32 7.46 16.01 -0.42
C GLY A 32 6.54 16.70 -1.44
N ASP A 33 6.96 16.68 -2.71
CA ASP A 33 6.24 17.31 -3.81
C ASP A 33 5.11 16.42 -4.39
N SER A 34 4.25 17.00 -5.23
CA SER A 34 3.22 16.27 -5.98
C SER A 34 3.83 15.29 -7.00
N THR A 35 5.07 15.50 -7.44
CA THR A 35 5.84 14.52 -8.22
C THR A 35 6.22 13.30 -7.37
N THR A 36 6.60 13.49 -6.10
CA THR A 36 6.79 12.40 -5.14
C THR A 36 5.47 11.66 -4.87
N ALA A 37 4.34 12.37 -4.85
CA ALA A 37 3.00 11.78 -4.73
C ALA A 37 2.62 10.89 -5.93
N GLU A 38 2.96 11.31 -7.16
CA GLU A 38 2.85 10.49 -8.37
C GLU A 38 3.77 9.25 -8.30
N LYS A 39 4.99 9.38 -7.77
CA LYS A 39 5.86 8.22 -7.45
C LYS A 39 5.24 7.25 -6.44
N MET A 40 4.39 7.70 -5.51
CA MET A 40 3.63 6.81 -4.62
C MET A 40 2.51 6.06 -5.36
N LYS A 41 1.81 6.71 -6.31
CA LYS A 41 0.88 6.02 -7.23
C LYS A 41 1.57 4.91 -8.02
N VAL A 42 2.77 5.18 -8.54
CA VAL A 42 3.64 4.18 -9.20
C VAL A 42 4.02 3.04 -8.24
N HIS A 43 4.34 3.34 -6.98
CA HIS A 43 4.75 2.33 -5.99
C HIS A 43 3.56 1.42 -5.65
N ALA A 44 2.36 1.98 -5.54
CA ALA A 44 1.13 1.23 -5.27
C ALA A 44 0.73 0.31 -6.44
N LYS A 45 0.70 0.86 -7.68
CA LYS A 45 0.36 0.10 -8.90
C LYS A 45 1.40 -0.99 -9.22
N SER A 46 2.68 -0.71 -8.94
CA SER A 46 3.77 -1.69 -9.01
C SER A 46 3.65 -2.78 -7.94
N PHE A 47 3.28 -2.44 -6.69
CA PHE A 47 3.14 -3.38 -5.58
C PHE A 47 2.15 -4.50 -5.90
N GLU A 48 0.98 -4.17 -6.48
CA GLU A 48 0.01 -5.15 -6.99
C GLU A 48 0.66 -6.14 -7.95
N ALA A 49 1.32 -5.59 -8.98
CA ALA A 49 1.85 -6.35 -10.11
C ALA A 49 3.08 -7.22 -9.75
N ALA A 50 3.85 -6.82 -8.74
CA ALA A 50 4.94 -7.61 -8.17
C ALA A 50 4.41 -8.70 -7.22
N LEU A 51 3.43 -8.39 -6.37
CA LEU A 51 2.85 -9.33 -5.43
C LEU A 51 2.01 -10.41 -6.14
N PHE A 52 1.37 -10.07 -7.26
CA PHE A 52 0.56 -11.01 -8.07
C PHE A 52 1.41 -12.16 -8.68
N GLU A 53 2.68 -11.91 -9.00
CA GLU A 53 3.65 -12.96 -9.40
C GLU A 53 3.82 -14.01 -8.29
N LYS A 54 3.84 -13.57 -7.03
CA LYS A 54 4.09 -14.37 -5.83
C LYS A 54 2.82 -14.89 -5.14
N SER A 55 1.65 -14.55 -5.70
CA SER A 55 0.28 -14.90 -5.28
C SER A 55 -0.09 -16.40 -5.33
N SER A 56 0.90 -17.31 -5.34
CA SER A 56 0.72 -18.74 -5.55
C SER A 56 -0.16 -19.43 -4.48
N SER A 57 -0.40 -18.76 -3.34
CA SER A 57 -1.53 -18.98 -2.44
C SER A 57 -2.12 -17.63 -2.06
N LYS A 58 -3.46 -17.53 -2.04
CA LYS A 58 -4.19 -16.28 -1.78
C LYS A 58 -4.08 -15.86 -0.31
N GLU A 59 -3.93 -16.82 0.62
CA GLU A 59 -3.61 -16.54 2.02
C GLU A 59 -2.36 -15.67 2.14
N GLU A 60 -1.29 -15.97 1.39
CA GLU A 60 -0.02 -15.23 1.43
C GLU A 60 -0.13 -13.85 0.77
N TYR A 61 -0.81 -13.77 -0.38
CA TYR A 61 -1.05 -12.52 -1.11
C TYR A 61 -1.80 -11.51 -0.22
N GLN A 62 -2.92 -11.93 0.35
CA GLN A 62 -3.73 -11.09 1.23
C GLN A 62 -2.96 -10.75 2.53
N LYS A 63 -2.29 -11.73 3.16
CA LYS A 63 -1.52 -11.55 4.40
C LYS A 63 -0.40 -10.52 4.22
N THR A 64 0.30 -10.57 3.09
CA THR A 64 1.43 -9.68 2.80
C THR A 64 0.98 -8.26 2.50
N MET A 65 -0.07 -8.08 1.69
CA MET A 65 -0.63 -6.75 1.45
C MET A 65 -1.12 -6.13 2.76
N LYS A 66 -1.86 -6.87 3.60
CA LYS A 66 -2.35 -6.38 4.89
C LYS A 66 -1.21 -6.05 5.86
N SER A 67 -0.15 -6.87 5.90
CA SER A 67 0.97 -6.68 6.83
C SER A 67 1.85 -5.47 6.48
N LYS A 68 2.00 -5.15 5.17
CA LYS A 68 2.66 -3.92 4.72
C LYS A 68 1.77 -2.68 4.90
N ILE A 69 0.46 -2.78 4.66
CA ILE A 69 -0.51 -1.71 4.96
C ILE A 69 -0.43 -1.34 6.45
N ASP A 70 -0.45 -2.32 7.37
CA ASP A 70 -0.36 -2.03 8.80
C ASP A 70 1.00 -1.40 9.20
N ALA A 71 2.11 -1.89 8.64
CA ALA A 71 3.44 -1.30 8.87
C ALA A 71 3.52 0.16 8.41
N MET A 72 2.92 0.50 7.26
CA MET A 72 2.90 1.88 6.76
C MET A 72 1.87 2.76 7.50
N ARG A 73 0.75 2.20 7.95
CA ARG A 73 -0.24 2.84 8.84
C ARG A 73 0.36 3.17 10.22
N SER A 74 1.21 2.31 10.76
CA SER A 74 2.05 2.62 11.94
C SER A 74 3.20 3.60 11.61
N THR A 75 3.68 3.64 10.36
CA THR A 75 4.71 4.59 9.91
C THR A 75 4.18 6.02 9.79
N ARG A 76 2.88 6.24 9.48
CA ARG A 76 2.23 7.58 9.53
C ARG A 76 2.49 8.29 10.86
N ASP A 77 2.27 7.53 11.91
CA ASP A 77 2.43 7.94 13.32
C ASP A 77 3.90 8.19 13.65
N LYS A 78 4.82 7.45 13.04
CA LYS A 78 6.26 7.66 13.17
C LYS A 78 6.69 8.98 12.57
N ARG A 79 6.25 9.26 11.34
CA ARG A 79 6.45 10.56 10.68
C ARG A 79 5.80 11.72 11.45
N LYS A 80 4.81 11.44 12.30
CA LYS A 80 4.20 12.44 13.21
C LYS A 80 5.06 12.67 14.45
N ARG A 81 5.63 11.61 15.01
CA ARG A 81 6.51 11.63 16.20
C ARG A 81 7.88 12.23 15.89
N GLU A 82 8.36 11.99 14.68
CA GLU A 82 9.51 12.70 14.08
C GLU A 82 9.20 14.19 13.80
N SER A 83 7.93 14.54 13.56
CA SER A 83 7.50 15.95 13.44
C SER A 83 7.49 16.66 14.80
N VAL A 84 7.07 15.97 15.87
CA VAL A 84 7.20 16.45 17.27
C VAL A 84 8.67 16.52 17.71
N GLY A 85 9.50 15.59 17.22
CA GLY A 85 10.96 15.54 17.36
C GLY A 85 11.75 16.39 16.36
N SER A 86 11.15 17.43 15.76
CA SER A 86 11.81 18.33 14.79
C SER A 86 12.33 19.61 15.42
N MET A 1 -9.26 -26.15 -3.34
CA MET A 1 -10.10 -25.70 -4.46
C MET A 1 -9.45 -24.51 -5.16
N SER A 2 -9.55 -24.43 -6.48
CA SER A 2 -9.00 -23.33 -7.31
C SER A 2 -9.68 -21.98 -7.09
N SER A 3 -10.63 -21.88 -6.15
CA SER A 3 -11.24 -20.63 -5.67
C SER A 3 -10.25 -19.61 -5.11
N LYS A 4 -9.06 -20.04 -4.70
CA LYS A 4 -7.93 -19.18 -4.33
C LYS A 4 -7.48 -18.24 -5.46
N GLU A 5 -7.87 -18.53 -6.70
CA GLU A 5 -7.61 -17.71 -7.89
C GLU A 5 -8.69 -16.63 -8.17
N THR A 6 -9.83 -16.67 -7.48
CA THR A 6 -11.06 -15.90 -7.81
C THR A 6 -11.08 -14.51 -7.14
N ILE A 7 -9.89 -13.96 -6.84
CA ILE A 7 -9.69 -12.66 -6.20
C ILE A 7 -10.03 -11.52 -7.19
N PRO A 8 -11.05 -10.68 -6.94
CA PRO A 8 -11.50 -9.69 -7.92
C PRO A 8 -10.46 -8.59 -8.19
N MET A 9 -10.33 -8.13 -9.44
CA MET A 9 -9.49 -6.97 -9.73
C MET A 9 -9.98 -5.71 -8.99
N HIS A 10 -11.29 -5.58 -8.74
CA HIS A 10 -11.84 -4.48 -7.92
C HIS A 10 -11.43 -4.58 -6.44
N GLN A 11 -11.26 -5.79 -5.90
CA GLN A 11 -10.75 -6.00 -4.54
C GLN A 11 -9.26 -5.63 -4.46
N ARG A 12 -8.46 -6.01 -5.47
CA ARG A 12 -7.05 -5.58 -5.54
C ARG A 12 -6.95 -4.06 -5.60
N SER A 13 -7.72 -3.41 -6.48
CA SER A 13 -7.80 -1.94 -6.58
C SER A 13 -8.26 -1.26 -5.28
N GLN A 14 -9.13 -1.91 -4.48
CA GLN A 14 -9.59 -1.40 -3.18
C GLN A 14 -8.51 -1.50 -2.09
N ASN A 15 -7.73 -2.58 -2.10
CA ASN A 15 -6.57 -2.76 -1.22
C ASN A 15 -5.46 -1.76 -1.57
N VAL A 16 -5.19 -1.59 -2.88
CA VAL A 16 -4.31 -0.53 -3.41
C VAL A 16 -4.79 0.85 -2.98
N ALA A 17 -6.11 1.11 -2.99
CA ALA A 17 -6.64 2.41 -2.57
C ALA A 17 -6.39 2.73 -1.07
N GLU A 18 -6.46 1.73 -0.17
CA GLU A 18 -6.03 1.91 1.22
C GLU A 18 -4.53 2.22 1.32
N LEU A 19 -3.69 1.43 0.64
CA LEU A 19 -2.25 1.64 0.56
C LEU A 19 -1.89 3.04 0.02
N LEU A 20 -2.47 3.44 -1.11
CA LEU A 20 -2.27 4.74 -1.76
C LEU A 20 -2.69 5.88 -0.82
N THR A 21 -3.84 5.75 -0.15
CA THR A 21 -4.34 6.75 0.83
C THR A 21 -3.42 6.89 2.04
N VAL A 22 -2.77 5.81 2.48
CA VAL A 22 -1.74 5.84 3.53
C VAL A 22 -0.42 6.44 3.02
N LEU A 23 0.03 6.11 1.79
CA LEU A 23 1.22 6.72 1.19
C LEU A 23 1.03 8.23 0.91
N MET A 24 -0.17 8.63 0.50
CA MET A 24 -0.61 10.03 0.42
C MET A 24 -0.57 10.72 1.78
N ASP A 25 -0.79 9.99 2.88
CA ASP A 25 -0.57 10.50 4.23
C ASP A 25 0.93 10.68 4.55
N ILE A 26 1.83 9.83 4.05
CA ILE A 26 3.30 10.03 4.19
C ILE A 26 3.70 11.31 3.46
N ASN A 27 3.15 11.50 2.25
CA ASN A 27 3.40 12.69 1.43
C ASN A 27 2.93 13.98 2.13
N LYS A 28 1.74 13.97 2.75
CA LYS A 28 1.20 15.07 3.57
C LYS A 28 1.96 15.30 4.89
N ILE A 29 2.55 14.26 5.48
CA ILE A 29 3.36 14.38 6.72
C ILE A 29 4.78 14.88 6.42
N ASN A 30 5.40 14.46 5.31
CA ASN A 30 6.74 14.91 4.90
C ASN A 30 6.74 16.31 4.25
N GLY A 31 5.60 16.76 3.72
CA GLY A 31 5.50 17.96 2.88
C GLY A 31 6.08 17.72 1.50
N GLY A 32 5.61 16.65 0.86
CA GLY A 32 6.06 16.20 -0.46
C GLY A 32 5.39 16.94 -1.62
N ASP A 33 6.13 17.02 -2.72
CA ASP A 33 5.75 17.63 -4.00
C ASP A 33 4.71 16.81 -4.79
N SER A 34 3.98 17.45 -5.71
CA SER A 34 3.00 16.80 -6.60
C SER A 34 3.60 15.71 -7.49
N THR A 35 4.89 15.84 -7.87
CA THR A 35 5.63 14.80 -8.60
C THR A 35 6.07 13.65 -7.70
N THR A 36 6.40 13.89 -6.42
CA THR A 36 6.61 12.81 -5.44
C THR A 36 5.30 12.07 -5.14
N ALA A 37 4.15 12.75 -5.21
CA ALA A 37 2.83 12.12 -5.14
C ALA A 37 2.53 11.25 -6.38
N GLU A 38 3.05 11.61 -7.56
CA GLU A 38 3.05 10.72 -8.74
C GLU A 38 3.92 9.47 -8.52
N LYS A 39 5.12 9.60 -7.92
CA LYS A 39 5.96 8.47 -7.50
C LYS A 39 5.27 7.55 -6.48
N MET A 40 4.45 8.08 -5.57
CA MET A 40 3.67 7.25 -4.63
C MET A 40 2.62 6.38 -5.35
N LYS A 41 1.94 6.93 -6.36
CA LYS A 41 1.02 6.14 -7.23
C LYS A 41 1.78 4.98 -7.91
N VAL A 42 2.98 5.25 -8.43
CA VAL A 42 3.86 4.23 -9.02
C VAL A 42 4.28 3.16 -8.01
N HIS A 43 4.62 3.52 -6.77
CA HIS A 43 5.06 2.58 -5.73
C HIS A 43 3.92 1.63 -5.34
N ALA A 44 2.71 2.18 -5.21
CA ALA A 44 1.52 1.41 -4.89
C ALA A 44 1.16 0.41 -6.01
N LYS A 45 1.24 0.86 -7.26
CA LYS A 45 0.91 0.06 -8.45
C LYS A 45 1.97 -1.02 -8.72
N SER A 46 3.26 -0.75 -8.51
CA SER A 46 4.33 -1.75 -8.65
C SER A 46 4.35 -2.77 -7.50
N PHE A 47 4.03 -2.34 -6.26
CA PHE A 47 3.85 -3.24 -5.11
C PHE A 47 2.80 -4.33 -5.39
N GLU A 48 1.61 -3.94 -5.84
CA GLU A 48 0.52 -4.87 -6.15
C GLU A 48 0.79 -5.71 -7.40
N ALA A 49 1.37 -5.13 -8.46
CA ALA A 49 1.70 -5.89 -9.68
C ALA A 49 2.71 -7.03 -9.43
N ALA A 50 3.61 -6.85 -8.45
CA ALA A 50 4.55 -7.88 -8.01
C ALA A 50 3.88 -8.91 -7.07
N LEU A 51 3.07 -8.45 -6.11
CA LEU A 51 2.33 -9.36 -5.21
C LEU A 51 1.27 -10.19 -5.97
N PHE A 52 0.72 -9.66 -7.06
CA PHE A 52 -0.21 -10.37 -7.95
C PHE A 52 0.46 -11.57 -8.65
N GLU A 53 1.76 -11.52 -8.94
CA GLU A 53 2.53 -12.69 -9.41
C GLU A 53 2.81 -13.73 -8.31
N LYS A 54 2.66 -13.36 -7.03
CA LYS A 54 2.77 -14.25 -5.85
C LYS A 54 1.42 -14.76 -5.32
N SER A 55 0.32 -14.30 -5.94
CA SER A 55 -1.09 -14.62 -5.64
C SER A 55 -1.54 -16.07 -5.89
N SER A 56 -0.61 -17.04 -5.95
CA SER A 56 -0.90 -18.46 -6.16
C SER A 56 -1.77 -19.09 -5.04
N SER A 57 -1.88 -18.38 -3.90
CA SER A 57 -2.93 -18.50 -2.89
C SER A 57 -3.51 -17.11 -2.58
N LYS A 58 -4.82 -17.02 -2.36
CA LYS A 58 -5.51 -15.79 -1.87
C LYS A 58 -5.02 -15.41 -0.47
N GLU A 59 -4.78 -16.38 0.40
CA GLU A 59 -4.23 -16.15 1.75
C GLU A 59 -2.85 -15.47 1.70
N GLU A 60 -1.95 -15.83 0.78
CA GLU A 60 -0.63 -15.18 0.70
C GLU A 60 -0.71 -13.77 0.14
N TYR A 61 -1.58 -13.53 -0.86
CA TYR A 61 -1.86 -12.18 -1.34
C TYR A 61 -2.45 -11.32 -0.21
N GLN A 62 -3.48 -11.81 0.48
CA GLN A 62 -4.16 -11.07 1.54
C GLN A 62 -3.24 -10.82 2.74
N LYS A 63 -2.53 -11.84 3.23
CA LYS A 63 -1.75 -11.70 4.46
C LYS A 63 -0.55 -10.77 4.29
N THR A 64 0.09 -10.81 3.12
CA THR A 64 1.23 -9.93 2.78
C THR A 64 0.75 -8.50 2.53
N MET A 65 -0.37 -8.32 1.80
CA MET A 65 -1.04 -7.03 1.62
C MET A 65 -1.36 -6.37 2.96
N LYS A 66 -2.02 -7.10 3.88
CA LYS A 66 -2.37 -6.58 5.21
C LYS A 66 -1.13 -6.33 6.09
N SER A 67 -0.08 -7.13 5.95
CA SER A 67 1.16 -6.98 6.73
C SER A 67 1.89 -5.68 6.38
N LYS A 68 2.03 -5.38 5.08
CA LYS A 68 2.65 -4.13 4.60
C LYS A 68 1.76 -2.90 4.75
N ILE A 69 0.44 -3.02 4.63
CA ILE A 69 -0.50 -1.93 4.98
C ILE A 69 -0.39 -1.61 6.47
N ASP A 70 -0.36 -2.60 7.37
CA ASP A 70 -0.11 -2.40 8.79
C ASP A 70 1.26 -1.75 9.05
N ALA A 71 2.32 -2.14 8.31
CA ALA A 71 3.65 -1.53 8.45
C ALA A 71 3.68 -0.04 8.02
N MET A 72 2.99 0.33 6.93
CA MET A 72 2.86 1.71 6.47
C MET A 72 1.93 2.56 7.36
N ARG A 73 0.82 1.97 7.83
CA ARG A 73 -0.12 2.57 8.77
C ARG A 73 0.51 2.75 10.16
N SER A 74 1.44 1.87 10.56
CA SER A 74 2.33 2.09 11.72
C SER A 74 3.36 3.20 11.45
N THR A 75 3.91 3.26 10.23
CA THR A 75 4.93 4.24 9.82
C THR A 75 4.41 5.68 9.82
N ARG A 76 3.13 5.95 9.50
CA ARG A 76 2.53 7.31 9.57
C ARG A 76 2.81 8.00 10.91
N ASP A 77 2.57 7.27 11.98
CA ASP A 77 2.68 7.76 13.35
C ASP A 77 4.15 8.02 13.74
N LYS A 78 5.09 7.28 13.15
CA LYS A 78 6.54 7.49 13.30
C LYS A 78 7.04 8.67 12.50
N ARG A 79 6.59 8.78 11.26
CA ARG A 79 6.79 9.97 10.40
C ARG A 79 6.35 11.27 11.06
N LYS A 80 5.42 11.24 12.04
CA LYS A 80 5.02 12.43 12.81
C LYS A 80 6.02 12.82 13.91
N ARG A 81 6.84 11.88 14.38
CA ARG A 81 7.95 12.09 15.33
C ARG A 81 9.12 12.83 14.69
N GLU A 82 9.27 12.64 13.38
CA GLU A 82 10.18 13.43 12.54
C GLU A 82 9.74 14.90 12.43
N SER A 83 8.45 15.19 12.66
CA SER A 83 7.88 16.55 12.67
C SER A 83 7.80 17.19 14.08
N VAL A 84 7.83 16.38 15.16
CA VAL A 84 7.59 16.81 16.55
C VAL A 84 8.54 16.08 17.53
N GLY A 85 9.44 16.83 18.17
CA GLY A 85 10.52 16.34 19.02
C GLY A 85 10.15 15.91 20.45
N SER A 86 8.91 16.15 20.91
CA SER A 86 8.37 15.60 22.17
C SER A 86 8.19 14.08 22.10
N MET A 1 -12.32 -25.98 -5.34
CA MET A 1 -10.88 -25.75 -5.12
C MET A 1 -10.30 -24.90 -6.25
N SER A 2 -9.04 -24.46 -6.10
CA SER A 2 -8.19 -23.89 -7.16
C SER A 2 -8.62 -22.53 -7.75
N SER A 3 -9.75 -21.95 -7.33
CA SER A 3 -10.30 -20.70 -7.88
C SER A 3 -9.84 -19.42 -7.20
N LYS A 4 -9.52 -19.45 -5.90
CA LYS A 4 -8.99 -18.31 -5.10
C LYS A 4 -7.70 -17.69 -5.67
N GLU A 5 -7.05 -18.42 -6.58
CA GLU A 5 -5.85 -18.06 -7.32
C GLU A 5 -6.14 -17.11 -8.51
N THR A 6 -7.43 -16.98 -8.88
CA THR A 6 -7.96 -16.26 -10.05
C THR A 6 -8.37 -14.81 -9.70
N ILE A 7 -7.76 -14.22 -8.66
CA ILE A 7 -8.20 -13.01 -7.98
C ILE A 7 -8.37 -11.82 -8.97
N PRO A 8 -9.51 -11.10 -8.95
CA PRO A 8 -9.80 -10.01 -9.90
C PRO A 8 -8.82 -8.83 -9.81
N MET A 9 -8.38 -8.31 -10.95
CA MET A 9 -7.55 -7.10 -10.99
C MET A 9 -8.30 -5.88 -10.41
N HIS A 10 -9.63 -5.81 -10.52
CA HIS A 10 -10.42 -4.76 -9.87
C HIS A 10 -10.31 -4.83 -8.34
N GLN A 11 -10.29 -6.04 -7.78
CA GLN A 11 -10.12 -6.26 -6.34
C GLN A 11 -8.69 -5.95 -5.89
N ARG A 12 -7.68 -6.31 -6.70
CA ARG A 12 -6.29 -5.89 -6.43
C ARG A 12 -6.16 -4.36 -6.41
N SER A 13 -6.78 -3.67 -7.38
CA SER A 13 -6.83 -2.20 -7.40
C SER A 13 -7.57 -1.61 -6.18
N GLN A 14 -8.63 -2.26 -5.70
CA GLN A 14 -9.37 -1.83 -4.49
C GLN A 14 -8.54 -2.03 -3.20
N ASN A 15 -7.74 -3.10 -3.13
CA ASN A 15 -6.78 -3.29 -2.04
C ASN A 15 -5.57 -2.33 -2.13
N VAL A 16 -5.12 -1.94 -3.33
CA VAL A 16 -4.18 -0.83 -3.57
C VAL A 16 -4.75 0.50 -3.09
N ALA A 17 -6.06 0.76 -3.20
CA ALA A 17 -6.66 2.04 -2.81
C ALA A 17 -6.47 2.37 -1.32
N GLU A 18 -6.54 1.35 -0.45
CA GLU A 18 -6.26 1.46 0.99
C GLU A 18 -4.78 1.83 1.25
N LEU A 19 -3.85 1.17 0.54
CA LEU A 19 -2.41 1.45 0.58
C LEU A 19 -2.09 2.87 0.08
N LEU A 20 -2.73 3.30 -1.02
CA LEU A 20 -2.56 4.61 -1.64
C LEU A 20 -2.92 5.73 -0.64
N THR A 21 -4.02 5.58 0.12
CA THR A 21 -4.41 6.52 1.19
C THR A 21 -3.33 6.67 2.27
N VAL A 22 -2.63 5.59 2.66
CA VAL A 22 -1.52 5.61 3.63
C VAL A 22 -0.25 6.23 3.04
N LEU A 23 0.09 5.97 1.77
CA LEU A 23 1.25 6.59 1.13
C LEU A 23 1.03 8.09 0.84
N MET A 24 -0.19 8.47 0.46
CA MET A 24 -0.64 9.87 0.40
C MET A 24 -0.46 10.56 1.76
N ASP A 25 -0.80 9.88 2.85
CA ASP A 25 -0.60 10.36 4.21
C ASP A 25 0.88 10.63 4.53
N ILE A 26 1.84 9.83 4.04
CA ILE A 26 3.29 10.12 4.21
C ILE A 26 3.61 11.44 3.52
N ASN A 27 3.09 11.62 2.32
CA ASN A 27 3.39 12.78 1.47
C ASN A 27 2.81 14.08 2.05
N LYS A 28 1.61 14.04 2.64
CA LYS A 28 1.00 15.18 3.34
C LYS A 28 1.71 15.47 4.68
N ILE A 29 1.93 14.45 5.53
CA ILE A 29 2.53 14.62 6.87
C ILE A 29 3.96 15.14 6.78
N ASN A 30 4.82 14.53 5.93
CA ASN A 30 6.25 14.83 5.88
C ASN A 30 6.64 15.90 4.82
N GLY A 31 5.67 16.58 4.20
CA GLY A 31 5.91 17.70 3.29
C GLY A 31 6.55 17.34 1.96
N GLY A 32 6.12 16.21 1.38
CA GLY A 32 6.54 15.77 0.06
C GLY A 32 5.95 16.60 -1.08
N ASP A 33 6.68 16.64 -2.18
CA ASP A 33 6.28 17.28 -3.45
C ASP A 33 5.10 16.54 -4.14
N SER A 34 4.36 17.22 -5.00
CA SER A 34 3.29 16.60 -5.81
C SER A 34 3.84 15.58 -6.84
N THR A 35 5.11 15.67 -7.22
CA THR A 35 5.84 14.63 -7.96
C THR A 35 6.21 13.45 -7.07
N THR A 36 6.52 13.65 -5.79
CA THR A 36 6.66 12.57 -4.80
C THR A 36 5.32 11.86 -4.60
N ALA A 37 4.20 12.60 -4.56
CA ALA A 37 2.85 12.06 -4.54
C ALA A 37 2.54 11.21 -5.79
N GLU A 38 3.02 11.63 -6.97
CA GLU A 38 2.94 10.86 -8.22
C GLU A 38 3.78 9.57 -8.16
N LYS A 39 4.98 9.62 -7.54
CA LYS A 39 5.81 8.43 -7.26
C LYS A 39 5.17 7.49 -6.23
N MET A 40 4.36 7.98 -5.28
CA MET A 40 3.53 7.13 -4.42
C MET A 40 2.48 6.35 -5.21
N LYS A 41 1.79 6.98 -6.18
CA LYS A 41 0.85 6.28 -7.08
C LYS A 41 1.52 5.15 -7.86
N VAL A 42 2.72 5.41 -8.39
CA VAL A 42 3.56 4.41 -9.08
C VAL A 42 3.98 3.27 -8.15
N HIS A 43 4.38 3.56 -6.90
CA HIS A 43 4.83 2.57 -5.92
C HIS A 43 3.69 1.65 -5.50
N ALA A 44 2.50 2.23 -5.30
CA ALA A 44 1.30 1.49 -4.92
C ALA A 44 0.87 0.49 -6.01
N LYS A 45 0.82 0.96 -7.27
CA LYS A 45 0.45 0.15 -8.44
C LYS A 45 1.54 -0.87 -8.82
N SER A 46 2.81 -0.61 -8.48
CA SER A 46 3.92 -1.56 -8.56
C SER A 46 3.84 -2.70 -7.53
N PHE A 47 3.28 -2.44 -6.33
CA PHE A 47 3.22 -3.45 -5.27
C PHE A 47 2.22 -4.58 -5.56
N GLU A 48 1.00 -4.29 -6.03
CA GLU A 48 0.06 -5.34 -6.44
C GLU A 48 0.62 -6.21 -7.59
N ALA A 49 1.37 -5.60 -8.52
CA ALA A 49 2.00 -6.29 -9.63
C ALA A 49 3.13 -7.25 -9.20
N ALA A 50 3.77 -6.98 -8.06
CA ALA A 50 4.69 -7.90 -7.39
C ALA A 50 3.93 -8.97 -6.57
N LEU A 51 2.89 -8.59 -5.83
CA LEU A 51 2.16 -9.49 -4.93
C LEU A 51 1.28 -10.51 -5.70
N PHE A 52 0.83 -10.18 -6.91
CA PHE A 52 0.10 -11.10 -7.80
C PHE A 52 0.92 -12.37 -8.11
N GLU A 53 2.25 -12.25 -8.19
CA GLU A 53 3.14 -13.41 -8.39
C GLU A 53 3.25 -14.33 -7.15
N LYS A 54 2.85 -13.87 -5.95
CA LYS A 54 2.74 -14.65 -4.71
C LYS A 54 1.33 -15.16 -4.39
N SER A 55 0.35 -14.74 -5.18
CA SER A 55 -1.11 -14.85 -4.98
C SER A 55 -1.74 -16.26 -4.99
N SER A 56 -0.96 -17.32 -4.75
CA SER A 56 -1.45 -18.72 -4.75
C SER A 56 -2.56 -19.03 -3.75
N SER A 57 -2.83 -18.15 -2.78
CA SER A 57 -4.10 -18.10 -2.05
C SER A 57 -4.50 -16.64 -1.82
N LYS A 58 -5.80 -16.31 -2.01
CA LYS A 58 -6.33 -14.96 -1.71
C LYS A 58 -6.12 -14.57 -0.24
N GLU A 59 -6.17 -15.54 0.67
CA GLU A 59 -5.92 -15.35 2.10
C GLU A 59 -4.48 -14.89 2.38
N GLU A 60 -3.50 -15.36 1.60
CA GLU A 60 -2.10 -14.94 1.68
C GLU A 60 -1.87 -13.57 1.00
N TYR A 61 -2.56 -13.29 -0.12
CA TYR A 61 -2.57 -11.95 -0.73
C TYR A 61 -3.14 -10.92 0.25
N GLN A 62 -4.30 -11.19 0.84
CA GLN A 62 -4.99 -10.31 1.79
C GLN A 62 -4.17 -10.07 3.07
N LYS A 63 -3.57 -11.12 3.64
CA LYS A 63 -2.63 -11.01 4.78
C LYS A 63 -1.42 -10.15 4.42
N THR A 64 -0.81 -10.37 3.26
CA THR A 64 0.43 -9.68 2.88
C THR A 64 0.18 -8.21 2.53
N MET A 65 -0.96 -7.88 1.90
CA MET A 65 -1.41 -6.49 1.76
C MET A 65 -1.55 -5.81 3.13
N LYS A 66 -2.25 -6.44 4.08
CA LYS A 66 -2.41 -5.95 5.47
C LYS A 66 -1.05 -5.78 6.16
N SER A 67 -0.14 -6.74 6.00
CA SER A 67 1.21 -6.71 6.57
C SER A 67 2.08 -5.57 6.02
N LYS A 68 2.03 -5.31 4.71
CA LYS A 68 2.71 -4.17 4.06
C LYS A 68 2.10 -2.84 4.51
N ILE A 69 0.77 -2.76 4.58
CA ILE A 69 0.02 -1.59 5.05
C ILE A 69 0.33 -1.30 6.53
N ASP A 70 0.47 -2.31 7.39
CA ASP A 70 0.86 -2.11 8.80
C ASP A 70 2.28 -1.52 8.91
N ALA A 71 3.23 -1.99 8.11
CA ALA A 71 4.59 -1.43 8.08
C ALA A 71 4.61 0.03 7.59
N MET A 72 3.74 0.40 6.65
CA MET A 72 3.59 1.78 6.15
C MET A 72 2.79 2.67 7.12
N ARG A 73 1.80 2.14 7.85
CA ARG A 73 1.12 2.80 8.97
C ARG A 73 2.12 3.18 10.07
N SER A 74 3.00 2.25 10.43
CA SER A 74 4.12 2.48 11.36
C SER A 74 5.05 3.59 10.86
N THR A 75 5.21 3.75 9.53
CA THR A 75 5.93 4.87 8.92
C THR A 75 5.17 6.20 9.07
N ARG A 76 3.84 6.26 8.80
CA ARG A 76 3.03 7.49 9.04
C ARG A 76 3.24 8.02 10.45
N ASP A 77 3.20 7.10 11.39
CA ASP A 77 3.26 7.31 12.83
C ASP A 77 4.65 7.82 13.27
N LYS A 78 5.72 7.35 12.64
CA LYS A 78 7.09 7.85 12.86
C LYS A 78 7.29 9.24 12.30
N ARG A 79 6.92 9.37 11.02
CA ARG A 79 6.86 10.64 10.28
C ARG A 79 5.97 11.69 10.95
N LYS A 80 5.08 11.28 11.87
CA LYS A 80 4.19 12.21 12.59
C LYS A 80 4.94 12.98 13.64
N ARG A 81 5.71 12.30 14.52
CA ARG A 81 6.31 12.93 15.71
C ARG A 81 7.57 13.73 15.41
N GLU A 82 8.33 13.30 14.42
CA GLU A 82 9.40 14.11 13.82
C GLU A 82 8.87 15.34 13.07
N SER A 83 7.58 15.38 12.72
CA SER A 83 6.92 16.58 12.16
C SER A 83 6.28 17.45 13.24
N VAL A 84 5.51 16.87 14.17
CA VAL A 84 4.78 17.55 15.26
C VAL A 84 4.84 16.71 16.55
N GLY A 85 5.56 17.20 17.56
CA GLY A 85 5.83 16.49 18.83
C GLY A 85 4.76 16.62 19.93
N SER A 86 3.66 17.33 19.69
CA SER A 86 2.53 17.51 20.60
C SER A 86 1.22 16.98 20.03
N MET A 1 -6.46 -25.61 -10.42
CA MET A 1 -7.41 -24.56 -10.82
C MET A 1 -7.08 -23.28 -10.08
N SER A 2 -6.62 -22.27 -10.80
CA SER A 2 -5.79 -21.19 -10.27
C SER A 2 -6.54 -20.06 -9.54
N SER A 3 -7.73 -20.30 -8.98
CA SER A 3 -8.60 -19.26 -8.38
C SER A 3 -7.89 -18.44 -7.29
N LYS A 4 -7.15 -19.10 -6.38
CA LYS A 4 -6.32 -18.47 -5.33
C LYS A 4 -5.25 -17.53 -5.89
N GLU A 5 -4.70 -17.88 -7.06
CA GLU A 5 -3.72 -17.13 -7.85
C GLU A 5 -4.36 -16.09 -8.80
N THR A 6 -5.69 -16.01 -8.84
CA THR A 6 -6.50 -15.22 -9.81
C THR A 6 -7.46 -14.26 -9.08
N ILE A 7 -7.10 -13.85 -7.86
CA ILE A 7 -7.79 -12.89 -7.00
C ILE A 7 -8.20 -11.62 -7.76
N PRO A 8 -9.49 -11.23 -7.78
CA PRO A 8 -10.06 -10.22 -8.67
C PRO A 8 -9.32 -8.88 -8.70
N MET A 9 -9.08 -8.36 -9.91
CA MET A 9 -8.48 -7.04 -10.13
C MET A 9 -9.19 -5.91 -9.38
N HIS A 10 -10.52 -5.97 -9.22
CA HIS A 10 -11.28 -5.00 -8.42
C HIS A 10 -10.97 -5.09 -6.91
N GLN A 11 -10.76 -6.29 -6.34
CA GLN A 11 -10.30 -6.40 -4.94
C GLN A 11 -8.83 -5.96 -4.78
N ARG A 12 -7.97 -6.21 -5.79
CA ARG A 12 -6.59 -5.67 -5.79
C ARG A 12 -6.58 -4.15 -5.86
N SER A 13 -7.42 -3.55 -6.72
CA SER A 13 -7.56 -2.09 -6.86
C SER A 13 -8.14 -1.42 -5.61
N GLN A 14 -8.97 -2.13 -4.84
CA GLN A 14 -9.47 -1.70 -3.52
C GLN A 14 -8.35 -1.68 -2.47
N ASN A 15 -7.47 -2.70 -2.43
CA ASN A 15 -6.29 -2.68 -1.56
C ASN A 15 -5.34 -1.52 -1.91
N VAL A 16 -5.11 -1.30 -3.21
CA VAL A 16 -4.33 -0.17 -3.75
C VAL A 16 -4.92 1.17 -3.31
N ALA A 17 -6.24 1.30 -3.19
CA ALA A 17 -6.89 2.55 -2.76
C ALA A 17 -6.66 2.88 -1.27
N GLU A 18 -6.70 1.86 -0.40
CA GLU A 18 -6.36 2.02 1.03
C GLU A 18 -4.87 2.38 1.21
N LEU A 19 -3.99 1.72 0.45
CA LEU A 19 -2.54 1.95 0.41
C LEU A 19 -2.21 3.37 -0.11
N LEU A 20 -2.83 3.82 -1.22
CA LEU A 20 -2.69 5.17 -1.76
C LEU A 20 -3.00 6.23 -0.71
N THR A 21 -4.11 6.06 0.01
CA THR A 21 -4.58 7.01 1.02
C THR A 21 -3.64 7.09 2.23
N VAL A 22 -2.95 6.00 2.57
CA VAL A 22 -1.88 6.01 3.58
C VAL A 22 -0.61 6.66 3.03
N LEU A 23 -0.16 6.33 1.81
CA LEU A 23 1.06 6.94 1.24
C LEU A 23 0.90 8.43 0.94
N MET A 24 -0.31 8.86 0.57
CA MET A 24 -0.72 10.27 0.53
C MET A 24 -0.60 10.94 1.90
N ASP A 25 -0.91 10.23 2.99
CA ASP A 25 -0.66 10.69 4.36
C ASP A 25 0.85 10.84 4.65
N ILE A 26 1.70 9.92 4.17
CA ILE A 26 3.17 10.01 4.35
C ILE A 26 3.67 11.27 3.64
N ASN A 27 3.20 11.48 2.41
CA ASN A 27 3.62 12.62 1.60
C ASN A 27 3.18 13.97 2.21
N LYS A 28 1.98 14.00 2.82
CA LYS A 28 1.44 15.18 3.51
C LYS A 28 2.17 15.49 4.82
N ILE A 29 2.48 14.46 5.62
CA ILE A 29 3.25 14.58 6.87
C ILE A 29 4.71 14.96 6.57
N ASN A 30 5.33 14.38 5.54
CA ASN A 30 6.68 14.74 5.09
C ASN A 30 6.76 16.11 4.39
N GLY A 31 5.67 16.60 3.80
CA GLY A 31 5.68 17.83 3.00
C GLY A 31 6.47 17.69 1.71
N GLY A 32 6.16 16.63 0.96
CA GLY A 32 6.58 16.47 -0.43
C GLY A 32 5.70 17.25 -1.42
N ASP A 33 5.78 16.84 -2.68
CA ASP A 33 5.21 17.49 -3.87
C ASP A 33 4.17 16.60 -4.58
N SER A 34 3.41 17.15 -5.53
CA SER A 34 2.55 16.41 -6.46
C SER A 34 3.34 15.40 -7.32
N THR A 35 4.62 15.69 -7.60
CA THR A 35 5.57 14.73 -8.22
C THR A 35 5.92 13.59 -7.26
N THR A 36 6.11 13.89 -5.98
CA THR A 36 6.37 12.87 -4.94
C THR A 36 5.12 12.00 -4.70
N ALA A 37 3.93 12.59 -4.80
CA ALA A 37 2.66 11.85 -4.79
C ALA A 37 2.53 10.89 -5.98
N GLU A 38 2.98 11.27 -7.19
CA GLU A 38 3.09 10.36 -8.34
C GLU A 38 4.08 9.22 -8.09
N LYS A 39 5.25 9.49 -7.51
CA LYS A 39 6.23 8.45 -7.12
C LYS A 39 5.68 7.46 -6.07
N MET A 40 4.78 7.90 -5.18
CA MET A 40 4.01 7.02 -4.27
C MET A 40 2.92 6.23 -5.01
N LYS A 41 2.19 6.85 -5.93
CA LYS A 41 1.18 6.22 -6.77
C LYS A 41 1.75 5.07 -7.62
N VAL A 42 2.95 5.28 -8.19
CA VAL A 42 3.77 4.27 -8.87
C VAL A 42 4.10 3.08 -7.96
N HIS A 43 4.33 3.32 -6.67
CA HIS A 43 4.73 2.29 -5.68
C HIS A 43 3.55 1.36 -5.36
N ALA A 44 2.34 1.92 -5.32
CA ALA A 44 1.10 1.18 -5.12
C ALA A 44 0.70 0.36 -6.35
N LYS A 45 0.79 0.95 -7.55
CA LYS A 45 0.45 0.31 -8.83
C LYS A 45 1.35 -0.88 -9.16
N SER A 46 2.62 -0.82 -8.74
CA SER A 46 3.56 -1.93 -8.85
C SER A 46 3.38 -3.00 -7.76
N PHE A 47 2.93 -2.64 -6.56
CA PHE A 47 2.72 -3.56 -5.44
C PHE A 47 1.68 -4.64 -5.75
N GLU A 48 0.46 -4.26 -6.19
CA GLU A 48 -0.56 -5.26 -6.55
C GLU A 48 -0.07 -6.23 -7.63
N ALA A 49 0.66 -5.72 -8.63
CA ALA A 49 1.16 -6.47 -9.77
C ALA A 49 2.28 -7.46 -9.43
N ALA A 50 3.14 -7.11 -8.47
CA ALA A 50 4.23 -7.98 -8.01
C ALA A 50 3.68 -9.09 -7.09
N LEU A 51 2.74 -8.75 -6.22
CA LEU A 51 2.11 -9.71 -5.32
C LEU A 51 1.17 -10.67 -6.06
N PHE A 52 0.57 -10.24 -7.19
CA PHE A 52 -0.23 -11.07 -8.10
C PHE A 52 0.58 -12.19 -8.79
N GLU A 53 1.89 -11.99 -8.99
CA GLU A 53 2.79 -13.09 -9.36
C GLU A 53 3.04 -14.07 -8.19
N LYS A 54 3.21 -13.55 -6.96
CA LYS A 54 3.59 -14.31 -5.75
C LYS A 54 2.42 -14.90 -4.96
N SER A 55 1.21 -14.71 -5.47
CA SER A 55 -0.13 -15.04 -4.92
C SER A 55 -0.46 -16.53 -4.67
N SER A 56 0.52 -17.41 -4.46
CA SER A 56 0.38 -18.87 -4.62
C SER A 56 -0.67 -19.52 -3.70
N SER A 57 -1.04 -18.85 -2.60
CA SER A 57 -2.33 -19.00 -1.93
C SER A 57 -2.90 -17.63 -1.55
N LYS A 58 -4.23 -17.46 -1.62
CA LYS A 58 -4.94 -16.23 -1.23
C LYS A 58 -4.73 -15.91 0.27
N GLU A 59 -4.60 -16.95 1.09
CA GLU A 59 -4.24 -16.85 2.52
C GLU A 59 -2.92 -16.07 2.74
N GLU A 60 -1.91 -16.27 1.88
CA GLU A 60 -0.65 -15.51 1.92
C GLU A 60 -0.76 -14.13 1.24
N TYR A 61 -1.49 -14.02 0.11
CA TYR A 61 -1.73 -12.74 -0.57
C TYR A 61 -2.38 -11.74 0.41
N GLN A 62 -3.47 -12.14 1.07
CA GLN A 62 -4.22 -11.26 1.98
C GLN A 62 -3.47 -10.99 3.30
N LYS A 63 -2.65 -11.93 3.80
CA LYS A 63 -1.68 -11.64 4.87
C LYS A 63 -0.70 -10.54 4.47
N THR A 64 -0.17 -10.61 3.24
CA THR A 64 0.87 -9.70 2.74
C THR A 64 0.32 -8.32 2.37
N MET A 65 -0.87 -8.25 1.76
CA MET A 65 -1.53 -6.99 1.38
C MET A 65 -1.89 -6.14 2.61
N LYS A 66 -2.41 -6.79 3.67
CA LYS A 66 -2.62 -6.18 4.99
C LYS A 66 -1.28 -5.79 5.60
N SER A 67 -0.29 -6.69 5.64
CA SER A 67 0.98 -6.42 6.32
C SER A 67 1.80 -5.30 5.69
N LYS A 68 1.67 -5.03 4.38
CA LYS A 68 2.33 -3.88 3.73
C LYS A 68 1.63 -2.55 4.07
N ILE A 69 0.29 -2.53 4.04
CA ILE A 69 -0.51 -1.42 4.59
C ILE A 69 -0.17 -1.21 6.07
N ASP A 70 0.07 -2.27 6.84
CA ASP A 70 0.42 -2.21 8.25
C ASP A 70 1.79 -1.56 8.49
N ALA A 71 2.81 -1.92 7.71
CA ALA A 71 4.11 -1.27 7.72
C ALA A 71 3.98 0.22 7.39
N MET A 72 3.21 0.57 6.35
CA MET A 72 3.01 1.96 5.92
C MET A 72 2.19 2.78 6.94
N ARG A 73 1.16 2.20 7.57
CA ARG A 73 0.45 2.80 8.73
C ARG A 73 1.39 3.03 9.91
N SER A 74 2.31 2.09 10.16
CA SER A 74 3.33 2.21 11.21
C SER A 74 4.36 3.31 10.88
N THR A 75 4.72 3.49 9.61
CA THR A 75 5.56 4.60 9.13
C THR A 75 4.86 5.96 9.25
N ARG A 76 3.56 6.05 8.92
CA ARG A 76 2.70 7.25 9.13
C ARG A 76 2.77 7.77 10.57
N ASP A 77 2.81 6.86 11.53
CA ASP A 77 2.96 7.13 12.96
C ASP A 77 4.40 7.58 13.32
N LYS A 78 5.43 6.97 12.71
CA LYS A 78 6.84 7.36 12.88
C LYS A 78 7.13 8.78 12.40
N ARG A 79 6.69 9.07 11.18
CA ARG A 79 6.81 10.40 10.57
C ARG A 79 6.11 11.49 11.38
N LYS A 80 5.20 11.14 12.31
CA LYS A 80 4.58 12.11 13.24
C LYS A 80 5.51 12.49 14.38
N ARG A 81 6.23 11.53 14.96
CA ARG A 81 7.28 11.78 15.98
C ARG A 81 8.42 12.59 15.42
N GLU A 82 8.80 12.23 14.20
CA GLU A 82 9.82 12.92 13.41
C GLU A 82 9.38 14.31 12.93
N SER A 83 8.08 14.64 12.97
CA SER A 83 7.59 16.01 12.66
C SER A 83 7.39 16.85 13.93
N VAL A 84 6.71 16.31 14.95
CA VAL A 84 6.19 17.08 16.11
C VAL A 84 6.32 16.38 17.48
N GLY A 85 6.94 15.19 17.56
CA GLY A 85 7.28 14.55 18.85
C GLY A 85 6.10 14.18 19.77
N SER A 86 4.90 13.92 19.21
CA SER A 86 3.66 13.67 19.97
C SER A 86 3.50 12.23 20.44
N MET A 1 -8.29 -24.74 -4.48
CA MET A 1 -8.98 -24.06 -5.61
C MET A 1 -8.03 -23.10 -6.31
N SER A 2 -8.26 -22.80 -7.61
CA SER A 2 -7.40 -21.92 -8.43
C SER A 2 -7.73 -20.42 -8.38
N SER A 3 -8.65 -20.00 -7.49
CA SER A 3 -9.21 -18.65 -7.37
C SER A 3 -8.18 -17.51 -7.31
N LYS A 4 -6.98 -17.77 -6.80
CA LYS A 4 -5.80 -16.87 -6.81
C LYS A 4 -5.51 -16.27 -8.20
N GLU A 5 -5.83 -17.01 -9.27
CA GLU A 5 -5.59 -16.63 -10.66
C GLU A 5 -6.64 -15.62 -11.18
N THR A 6 -7.76 -15.47 -10.47
CA THR A 6 -9.01 -14.87 -10.97
C THR A 6 -9.46 -13.65 -10.15
N ILE A 7 -8.82 -13.38 -9.00
CA ILE A 7 -9.16 -12.34 -8.03
C ILE A 7 -9.33 -10.97 -8.73
N PRO A 8 -10.53 -10.35 -8.66
CA PRO A 8 -10.88 -9.18 -9.46
C PRO A 8 -9.96 -7.97 -9.26
N MET A 9 -9.58 -7.33 -10.37
CA MET A 9 -8.84 -6.07 -10.32
C MET A 9 -9.67 -4.91 -9.74
N HIS A 10 -11.01 -4.97 -9.72
CA HIS A 10 -11.80 -4.04 -8.92
C HIS A 10 -11.62 -4.24 -7.39
N GLN A 11 -11.43 -5.49 -6.92
CA GLN A 11 -11.15 -5.77 -5.51
C GLN A 11 -9.73 -5.31 -5.15
N ARG A 12 -8.70 -5.75 -5.90
CA ARG A 12 -7.31 -5.34 -5.64
C ARG A 12 -7.18 -3.83 -5.56
N SER A 13 -7.74 -3.09 -6.52
CA SER A 13 -7.71 -1.62 -6.51
C SER A 13 -8.44 -0.99 -5.31
N GLN A 14 -9.46 -1.63 -4.73
CA GLN A 14 -10.07 -1.17 -3.48
C GLN A 14 -9.17 -1.43 -2.25
N ASN A 15 -8.37 -2.51 -2.25
CA ASN A 15 -7.35 -2.76 -1.22
C ASN A 15 -6.16 -1.79 -1.36
N VAL A 16 -5.63 -1.64 -2.58
CA VAL A 16 -4.57 -0.68 -2.96
C VAL A 16 -4.98 0.76 -2.62
N ALA A 17 -6.27 1.11 -2.72
CA ALA A 17 -6.73 2.45 -2.35
C ALA A 17 -6.50 2.77 -0.85
N GLU A 18 -6.50 1.76 0.03
CA GLU A 18 -6.28 1.88 1.47
C GLU A 18 -4.80 2.13 1.81
N LEU A 19 -3.90 1.46 1.06
CA LEU A 19 -2.45 1.74 1.01
C LEU A 19 -2.20 3.16 0.48
N LEU A 20 -2.89 3.58 -0.59
CA LEU A 20 -2.76 4.91 -1.18
C LEU A 20 -3.08 6.02 -0.19
N THR A 21 -4.19 5.95 0.54
CA THR A 21 -4.55 6.92 1.59
C THR A 21 -3.44 7.08 2.64
N VAL A 22 -2.73 6.00 3.00
CA VAL A 22 -1.61 6.03 3.95
C VAL A 22 -0.35 6.64 3.34
N LEU A 23 -0.02 6.30 2.09
CA LEU A 23 1.11 6.92 1.37
C LEU A 23 0.89 8.41 1.07
N MET A 24 -0.35 8.79 0.75
CA MET A 24 -0.82 10.17 0.64
C MET A 24 -0.68 10.93 1.96
N ASP A 25 -0.85 10.25 3.10
CA ASP A 25 -0.62 10.86 4.41
C ASP A 25 0.85 11.26 4.62
N ILE A 26 1.81 10.49 4.08
CA ILE A 26 3.24 10.82 4.16
C ILE A 26 3.54 12.11 3.40
N ASN A 27 2.86 12.34 2.28
CA ASN A 27 3.03 13.52 1.43
C ASN A 27 2.66 14.82 2.20
N LYS A 28 1.63 14.79 3.04
CA LYS A 28 1.23 15.88 3.95
C LYS A 28 2.11 15.98 5.22
N ILE A 29 2.64 14.85 5.71
CA ILE A 29 3.53 14.81 6.90
C ILE A 29 4.95 15.32 6.59
N ASN A 30 5.52 14.97 5.43
CA ASN A 30 6.94 15.16 5.10
C ASN A 30 7.19 16.19 3.97
N GLY A 31 6.18 17.00 3.62
CA GLY A 31 6.31 18.09 2.64
C GLY A 31 6.51 17.63 1.19
N GLY A 32 6.12 16.40 0.85
CA GLY A 32 6.21 15.86 -0.50
C GLY A 32 5.37 16.63 -1.51
N ASP A 33 5.89 16.77 -2.72
CA ASP A 33 5.23 17.43 -3.85
C ASP A 33 4.28 16.49 -4.64
N SER A 34 3.57 17.02 -5.65
CA SER A 34 2.67 16.23 -6.50
C SER A 34 3.39 15.13 -7.31
N THR A 35 4.66 15.33 -7.66
CA THR A 35 5.51 14.31 -8.32
C THR A 35 5.85 13.16 -7.36
N THR A 36 6.13 13.49 -6.09
CA THR A 36 6.29 12.50 -5.02
C THR A 36 5.00 11.68 -4.85
N ALA A 37 3.82 12.32 -4.90
CA ALA A 37 2.53 11.64 -4.84
C ALA A 37 2.25 10.77 -6.09
N GLU A 38 2.68 11.19 -7.28
CA GLU A 38 2.67 10.34 -8.48
C GLU A 38 3.58 9.10 -8.34
N LYS A 39 4.73 9.23 -7.69
CA LYS A 39 5.59 8.09 -7.30
C LYS A 39 5.02 7.22 -6.19
N MET A 40 4.23 7.75 -5.25
CA MET A 40 3.46 6.92 -4.31
C MET A 40 2.45 6.02 -5.04
N LYS A 41 1.73 6.54 -6.04
CA LYS A 41 0.87 5.73 -6.93
C LYS A 41 1.66 4.61 -7.62
N VAL A 42 2.87 4.90 -8.10
CA VAL A 42 3.79 3.90 -8.68
C VAL A 42 4.35 2.92 -7.64
N HIS A 43 4.52 3.33 -6.37
CA HIS A 43 5.01 2.45 -5.29
C HIS A 43 3.94 1.39 -4.95
N ALA A 44 2.66 1.79 -5.01
CA ALA A 44 1.52 0.89 -4.89
C ALA A 44 1.37 -0.06 -6.10
N LYS A 45 1.43 0.47 -7.33
CA LYS A 45 1.29 -0.29 -8.59
C LYS A 45 2.44 -1.28 -8.83
N SER A 46 3.64 -0.96 -8.35
CA SER A 46 4.80 -1.85 -8.31
C SER A 46 4.73 -2.85 -7.14
N PHE A 47 4.02 -2.55 -6.05
CA PHE A 47 3.72 -3.54 -5.00
C PHE A 47 2.75 -4.62 -5.50
N GLU A 48 1.66 -4.25 -6.19
CA GLU A 48 0.77 -5.20 -6.88
C GLU A 48 1.57 -6.13 -7.80
N ALA A 49 2.40 -5.51 -8.64
CA ALA A 49 3.23 -6.23 -9.62
C ALA A 49 4.28 -7.16 -8.99
N ALA A 50 4.83 -6.78 -7.84
CA ALA A 50 5.77 -7.62 -7.08
C ALA A 50 5.04 -8.79 -6.42
N LEU A 51 3.89 -8.53 -5.79
CA LEU A 51 3.11 -9.52 -5.03
C LEU A 51 2.38 -10.52 -5.94
N PHE A 52 2.02 -10.13 -7.17
CA PHE A 52 1.35 -10.99 -8.15
C PHE A 52 2.18 -12.23 -8.52
N GLU A 53 3.51 -12.12 -8.54
CA GLU A 53 4.41 -13.28 -8.69
C GLU A 53 4.45 -14.19 -7.44
N LYS A 54 4.24 -13.62 -6.23
CA LYS A 54 4.20 -14.34 -4.95
C LYS A 54 2.81 -14.96 -4.64
N SER A 55 1.84 -14.73 -5.52
CA SER A 55 0.40 -14.99 -5.36
C SER A 55 -0.04 -16.47 -5.31
N SER A 56 0.85 -17.40 -4.97
CA SER A 56 0.59 -18.86 -5.05
C SER A 56 -0.44 -19.38 -4.05
N SER A 57 -1.02 -18.50 -3.23
CA SER A 57 -2.35 -18.64 -2.64
C SER A 57 -3.01 -17.26 -2.49
N LYS A 58 -4.32 -17.20 -2.68
CA LYS A 58 -5.10 -15.95 -2.56
C LYS A 58 -5.15 -15.47 -1.11
N GLU A 59 -5.26 -16.42 -0.18
CA GLU A 59 -5.24 -16.18 1.26
C GLU A 59 -3.97 -15.41 1.66
N GLU A 60 -2.83 -15.78 1.09
CA GLU A 60 -1.54 -15.14 1.36
C GLU A 60 -1.37 -13.80 0.62
N TYR A 61 -1.87 -13.67 -0.63
CA TYR A 61 -1.87 -12.39 -1.36
C TYR A 61 -2.65 -11.32 -0.59
N GLN A 62 -3.91 -11.62 -0.21
CA GLN A 62 -4.78 -10.67 0.46
C GLN A 62 -4.35 -10.38 1.91
N LYS A 63 -3.79 -11.37 2.61
CA LYS A 63 -3.18 -11.16 3.94
C LYS A 63 -1.91 -10.32 3.85
N THR A 64 -1.05 -10.55 2.85
CA THR A 64 0.18 -9.76 2.65
C THR A 64 -0.14 -8.32 2.25
N MET A 65 -1.20 -8.07 1.48
CA MET A 65 -1.69 -6.71 1.22
C MET A 65 -2.12 -5.99 2.50
N LYS A 66 -2.89 -6.66 3.38
CA LYS A 66 -3.29 -6.13 4.71
C LYS A 66 -2.06 -5.88 5.60
N SER A 67 -1.13 -6.84 5.62
CA SER A 67 0.14 -6.75 6.34
C SER A 67 1.02 -5.58 5.87
N LYS A 68 1.05 -5.30 4.55
CA LYS A 68 1.76 -4.17 3.95
C LYS A 68 1.13 -2.83 4.32
N ILE A 69 -0.21 -2.73 4.22
CA ILE A 69 -0.98 -1.57 4.67
C ILE A 69 -0.65 -1.26 6.14
N ASP A 70 -0.67 -2.28 7.00
CA ASP A 70 -0.36 -2.16 8.42
C ASP A 70 1.12 -1.78 8.70
N ALA A 71 2.09 -2.35 7.97
CA ALA A 71 3.50 -2.03 8.09
C ALA A 71 3.81 -0.57 7.68
N MET A 72 3.16 -0.11 6.59
CA MET A 72 3.23 1.28 6.13
C MET A 72 2.46 2.23 7.06
N ARG A 73 1.40 1.78 7.74
CA ARG A 73 0.73 2.53 8.83
C ARG A 73 1.68 2.74 10.02
N SER A 74 2.53 1.77 10.33
CA SER A 74 3.62 1.94 11.31
C SER A 74 4.65 2.98 10.85
N THR A 75 5.03 2.96 9.55
CA THR A 75 5.91 3.99 8.95
C THR A 75 5.28 5.38 9.05
N ARG A 76 4.00 5.55 8.70
CA ARG A 76 3.19 6.75 8.78
C ARG A 76 3.23 7.44 10.14
N ASP A 77 3.16 6.66 11.21
CA ASP A 77 3.23 7.17 12.58
C ASP A 77 4.66 7.55 13.00
N LYS A 78 5.68 6.87 12.45
CA LYS A 78 7.10 7.18 12.69
C LYS A 78 7.53 8.47 12.01
N ARG A 79 7.12 8.60 10.75
CA ARG A 79 7.20 9.84 9.97
C ARG A 79 6.53 11.02 10.70
N LYS A 80 5.53 10.79 11.55
CA LYS A 80 4.89 11.86 12.34
C LYS A 80 5.74 12.30 13.53
N ARG A 81 6.40 11.38 14.23
CA ARG A 81 7.30 11.68 15.38
C ARG A 81 8.53 12.47 14.96
N GLU A 82 9.05 12.14 13.79
CA GLU A 82 10.14 12.84 13.13
C GLU A 82 9.70 14.18 12.50
N SER A 83 8.41 14.38 12.19
CA SER A 83 7.93 15.64 11.58
C SER A 83 7.46 16.67 12.61
N VAL A 84 6.71 16.23 13.62
CA VAL A 84 6.12 17.07 14.69
C VAL A 84 7.09 17.25 15.87
N GLY A 85 8.00 16.29 16.07
CA GLY A 85 9.15 16.41 16.96
C GLY A 85 9.10 15.61 18.28
N SER A 86 7.92 15.13 18.70
CA SER A 86 7.70 14.31 19.91
C SER A 86 6.46 13.43 19.86
N MET A 1 -8.77 -25.41 -4.00
CA MET A 1 -9.70 -24.71 -4.92
C MET A 1 -8.97 -23.54 -5.54
N SER A 2 -9.17 -23.28 -6.84
CA SER A 2 -8.37 -22.31 -7.63
C SER A 2 -8.70 -20.82 -7.41
N SER A 3 -9.23 -20.45 -6.23
CA SER A 3 -9.69 -19.11 -5.83
C SER A 3 -8.69 -17.97 -6.09
N LYS A 4 -7.38 -18.26 -5.95
CA LYS A 4 -6.26 -17.34 -6.23
C LYS A 4 -6.27 -16.75 -7.64
N GLU A 5 -6.95 -17.41 -8.59
CA GLU A 5 -6.96 -17.03 -10.00
C GLU A 5 -8.09 -16.05 -10.35
N THR A 6 -9.13 -15.95 -9.51
CA THR A 6 -10.46 -15.40 -9.88
C THR A 6 -10.91 -14.27 -8.95
N ILE A 7 -10.04 -13.83 -8.02
CA ILE A 7 -10.24 -12.73 -7.10
C ILE A 7 -10.58 -11.43 -7.87
N PRO A 8 -11.65 -10.71 -7.50
CA PRO A 8 -12.10 -9.54 -8.25
C PRO A 8 -11.06 -8.42 -8.35
N MET A 9 -10.96 -7.80 -9.53
CA MET A 9 -10.05 -6.67 -9.77
C MET A 9 -10.42 -5.45 -8.91
N HIS A 10 -11.71 -5.29 -8.61
CA HIS A 10 -12.23 -4.25 -7.72
C HIS A 10 -11.76 -4.45 -6.28
N GLN A 11 -11.74 -5.69 -5.79
CA GLN A 11 -11.31 -6.02 -4.42
C GLN A 11 -9.81 -5.73 -4.21
N ARG A 12 -8.97 -6.08 -5.19
CA ARG A 12 -7.56 -5.65 -5.22
C ARG A 12 -7.46 -4.13 -5.31
N SER A 13 -8.23 -3.48 -6.19
CA SER A 13 -8.22 -2.02 -6.36
C SER A 13 -8.64 -1.26 -5.09
N GLN A 14 -9.57 -1.78 -4.28
CA GLN A 14 -9.93 -1.21 -2.97
C GLN A 14 -8.77 -1.31 -1.96
N ASN A 15 -8.00 -2.38 -1.99
CA ASN A 15 -6.79 -2.54 -1.16
C ASN A 15 -5.64 -1.63 -1.63
N VAL A 16 -5.46 -1.47 -2.95
CA VAL A 16 -4.52 -0.49 -3.53
C VAL A 16 -4.91 0.93 -3.14
N ALA A 17 -6.19 1.29 -3.17
CA ALA A 17 -6.65 2.64 -2.81
C ALA A 17 -6.43 2.95 -1.32
N GLU A 18 -6.60 1.94 -0.45
CA GLU A 18 -6.33 2.01 0.99
C GLU A 18 -4.82 2.24 1.27
N LEU A 19 -3.96 1.49 0.58
CA LEU A 19 -2.49 1.65 0.57
C LEU A 19 -2.07 3.04 0.05
N LEU A 20 -2.55 3.44 -1.14
CA LEU A 20 -2.24 4.70 -1.81
C LEU A 20 -2.54 5.88 -0.88
N THR A 21 -3.73 5.89 -0.26
CA THR A 21 -4.16 6.95 0.64
C THR A 21 -3.29 7.06 1.90
N VAL A 22 -2.73 5.95 2.40
CA VAL A 22 -1.76 5.98 3.51
C VAL A 22 -0.40 6.54 3.07
N LEU A 23 0.11 6.18 1.88
CA LEU A 23 1.34 6.79 1.34
C LEU A 23 1.17 8.30 1.08
N MET A 24 -0.03 8.70 0.63
CA MET A 24 -0.46 10.10 0.51
C MET A 24 -0.47 10.84 1.85
N ASP A 25 -0.65 10.16 2.99
CA ASP A 25 -0.48 10.80 4.31
C ASP A 25 0.99 11.20 4.54
N ILE A 26 1.94 10.34 4.15
CA ILE A 26 3.39 10.61 4.27
C ILE A 26 3.77 11.82 3.39
N ASN A 27 3.20 11.86 2.19
CA ASN A 27 3.38 12.95 1.23
C ASN A 27 2.90 14.31 1.78
N LYS A 28 1.82 14.34 2.56
CA LYS A 28 1.38 15.50 3.33
C LYS A 28 2.32 15.83 4.50
N ILE A 29 2.64 14.84 5.34
CA ILE A 29 3.50 14.99 6.54
C ILE A 29 4.85 15.61 6.19
N ASN A 30 5.53 15.12 5.15
CA ASN A 30 6.86 15.57 4.73
C ASN A 30 6.87 16.64 3.62
N GLY A 31 5.70 17.19 3.25
CA GLY A 31 5.60 18.29 2.27
C GLY A 31 6.00 17.93 0.84
N GLY A 32 5.98 16.64 0.49
CA GLY A 32 6.44 16.12 -0.79
C GLY A 32 5.64 16.69 -1.96
N ASP A 33 6.35 17.05 -3.02
CA ASP A 33 5.77 17.61 -4.24
C ASP A 33 4.76 16.67 -4.93
N SER A 34 3.89 17.21 -5.80
CA SER A 34 2.89 16.43 -6.55
C SER A 34 3.49 15.37 -7.47
N THR A 35 4.66 15.59 -8.06
CA THR A 35 5.37 14.53 -8.79
C THR A 35 5.88 13.45 -7.83
N THR A 36 6.30 13.81 -6.62
CA THR A 36 6.64 12.85 -5.56
C THR A 36 5.39 12.05 -5.11
N ALA A 37 4.19 12.66 -5.16
CA ALA A 37 2.92 11.97 -4.97
C ALA A 37 2.60 11.01 -6.13
N GLU A 38 2.95 11.35 -7.37
CA GLU A 38 2.90 10.41 -8.51
C GLU A 38 3.90 9.25 -8.36
N LYS A 39 5.12 9.49 -7.85
CA LYS A 39 6.03 8.41 -7.44
C LYS A 39 5.43 7.48 -6.38
N MET A 40 4.53 7.96 -5.51
CA MET A 40 3.74 7.12 -4.59
C MET A 40 2.63 6.34 -5.30
N LYS A 41 1.92 6.94 -6.27
CA LYS A 41 0.98 6.21 -7.15
C LYS A 41 1.66 5.01 -7.84
N VAL A 42 2.88 5.23 -8.36
CA VAL A 42 3.74 4.19 -8.94
C VAL A 42 4.19 3.13 -7.92
N HIS A 43 4.50 3.52 -6.68
CA HIS A 43 4.92 2.59 -5.63
C HIS A 43 3.75 1.67 -5.24
N ALA A 44 2.53 2.21 -5.19
CA ALA A 44 1.33 1.46 -4.89
C ALA A 44 0.95 0.46 -6.01
N LYS A 45 0.91 0.94 -7.27
CA LYS A 45 0.55 0.12 -8.44
C LYS A 45 1.55 -1.01 -8.71
N SER A 46 2.85 -0.74 -8.53
CA SER A 46 3.90 -1.75 -8.66
C SER A 46 3.95 -2.75 -7.51
N PHE A 47 3.68 -2.34 -6.26
CA PHE A 47 3.63 -3.26 -5.11
C PHE A 47 2.67 -4.42 -5.36
N GLU A 48 1.44 -4.12 -5.79
CA GLU A 48 0.43 -5.16 -6.02
C GLU A 48 0.72 -6.01 -7.26
N ALA A 49 1.27 -5.43 -8.33
CA ALA A 49 1.64 -6.16 -9.54
C ALA A 49 2.71 -7.23 -9.26
N ALA A 50 3.71 -6.88 -8.44
CA ALA A 50 4.76 -7.81 -8.01
C ALA A 50 4.21 -8.89 -7.07
N LEU A 51 3.25 -8.54 -6.20
CA LEU A 51 2.59 -9.49 -5.30
C LEU A 51 1.60 -10.42 -6.04
N PHE A 52 0.96 -9.97 -7.12
CA PHE A 52 0.10 -10.76 -7.99
C PHE A 52 0.88 -11.90 -8.69
N GLU A 53 2.17 -11.70 -8.97
CA GLU A 53 3.06 -12.78 -9.41
C GLU A 53 3.42 -13.77 -8.28
N LYS A 54 3.52 -13.32 -7.02
CA LYS A 54 3.73 -14.15 -5.82
C LYS A 54 2.47 -14.83 -5.27
N SER A 55 1.31 -14.54 -5.85
CA SER A 55 -0.04 -14.95 -5.43
C SER A 55 -0.38 -16.45 -5.51
N SER A 56 0.62 -17.34 -5.51
CA SER A 56 0.44 -18.81 -5.61
C SER A 56 -0.38 -19.43 -4.45
N SER A 57 -0.72 -18.64 -3.42
CA SER A 57 -2.01 -18.76 -2.74
C SER A 57 -2.65 -17.38 -2.50
N LYS A 58 -3.98 -17.34 -2.46
CA LYS A 58 -4.76 -16.17 -2.02
C LYS A 58 -4.38 -15.77 -0.60
N GLU A 59 -4.11 -16.74 0.27
CA GLU A 59 -3.70 -16.51 1.66
C GLU A 59 -2.34 -15.81 1.80
N GLU A 60 -1.40 -15.96 0.85
CA GLU A 60 -0.16 -15.16 0.83
C GLU A 60 -0.36 -13.76 0.24
N TYR A 61 -1.18 -13.61 -0.82
CA TYR A 61 -1.53 -12.29 -1.35
C TYR A 61 -2.23 -11.45 -0.28
N GLN A 62 -3.28 -12.00 0.36
CA GLN A 62 -4.03 -11.29 1.39
C GLN A 62 -3.21 -10.99 2.65
N LYS A 63 -2.38 -11.94 3.13
CA LYS A 63 -1.49 -11.71 4.29
C LYS A 63 -0.46 -10.62 4.00
N THR A 64 0.21 -10.67 2.84
CA THR A 64 1.28 -9.69 2.52
C THR A 64 0.70 -8.31 2.25
N MET A 65 -0.45 -8.22 1.58
CA MET A 65 -1.19 -6.97 1.39
C MET A 65 -1.54 -6.34 2.75
N LYS A 66 -2.16 -7.10 3.66
CA LYS A 66 -2.50 -6.61 5.01
C LYS A 66 -1.26 -6.23 5.81
N SER A 67 -0.19 -7.03 5.77
CA SER A 67 1.00 -6.83 6.58
C SER A 67 1.85 -5.64 6.11
N LYS A 68 1.90 -5.35 4.80
CA LYS A 68 2.53 -4.14 4.26
C LYS A 68 1.68 -2.89 4.49
N ILE A 69 0.35 -3.00 4.37
CA ILE A 69 -0.57 -1.91 4.77
C ILE A 69 -0.39 -1.59 6.25
N ASP A 70 -0.35 -2.57 7.14
CA ASP A 70 -0.14 -2.34 8.58
C ASP A 70 1.26 -1.80 8.90
N ALA A 71 2.31 -2.21 8.17
CA ALA A 71 3.64 -1.62 8.27
C ALA A 71 3.64 -0.13 7.86
N MET A 72 2.91 0.24 6.81
CA MET A 72 2.77 1.64 6.38
C MET A 72 1.89 2.46 7.34
N ARG A 73 0.80 1.88 7.87
CA ARG A 73 -0.01 2.46 8.96
C ARG A 73 0.83 2.73 10.20
N SER A 74 1.70 1.78 10.59
CA SER A 74 2.65 1.92 11.70
C SER A 74 3.82 2.86 11.37
N THR A 75 4.13 3.05 10.08
CA THR A 75 5.06 4.10 9.63
C THR A 75 4.46 5.49 9.87
N ARG A 76 3.16 5.74 9.57
CA ARG A 76 2.48 7.02 9.91
C ARG A 76 2.62 7.40 11.38
N ASP A 77 2.52 6.39 12.23
CA ASP A 77 2.54 6.52 13.69
C ASP A 77 3.92 6.93 14.20
N LYS A 78 4.98 6.44 13.55
CA LYS A 78 6.36 6.83 13.85
C LYS A 78 6.74 8.17 13.25
N ARG A 79 6.40 8.37 11.98
CA ARG A 79 6.53 9.66 11.28
C ARG A 79 5.81 10.80 12.02
N LYS A 80 4.82 10.50 12.88
CA LYS A 80 4.15 11.50 13.75
C LYS A 80 5.05 11.94 14.90
N ARG A 81 5.79 10.99 15.52
CA ARG A 81 6.68 11.23 16.66
C ARG A 81 8.10 11.65 16.29
N GLU A 82 8.55 11.29 15.10
CA GLU A 82 9.72 11.90 14.46
C GLU A 82 9.45 13.39 14.13
N SER A 83 8.20 13.72 13.76
CA SER A 83 7.76 15.10 13.45
C SER A 83 7.27 15.90 14.68
N VAL A 84 7.02 15.24 15.81
CA VAL A 84 6.55 15.77 17.10
C VAL A 84 5.22 16.56 16.99
N GLY A 85 4.08 15.87 17.09
CA GLY A 85 2.73 16.45 17.24
C GLY A 85 2.30 16.66 18.70
N SER A 86 3.23 16.51 19.65
CA SER A 86 3.00 16.37 21.09
C SER A 86 2.82 17.69 21.82
N MET A 1 -11.86 -24.68 -7.24
CA MET A 1 -12.22 -23.41 -6.57
C MET A 1 -11.57 -22.19 -7.24
N SER A 2 -10.24 -22.18 -7.42
CA SER A 2 -9.49 -21.15 -8.20
C SER A 2 -9.78 -19.68 -7.85
N SER A 3 -10.05 -19.35 -6.58
CA SER A 3 -10.37 -17.99 -6.14
C SER A 3 -9.29 -16.97 -6.49
N LYS A 4 -8.00 -17.29 -6.29
CA LYS A 4 -6.88 -16.39 -6.59
C LYS A 4 -6.80 -16.05 -8.08
N GLU A 5 -7.18 -17.00 -8.94
CA GLU A 5 -7.23 -16.83 -10.40
C GLU A 5 -8.53 -16.15 -10.88
N THR A 6 -9.50 -15.96 -9.98
CA THR A 6 -10.80 -15.29 -10.23
C THR A 6 -10.87 -13.89 -9.59
N ILE A 7 -9.90 -13.50 -8.75
CA ILE A 7 -9.94 -12.33 -7.88
C ILE A 7 -10.07 -11.03 -8.71
N PRO A 8 -11.18 -10.27 -8.59
CA PRO A 8 -11.46 -9.13 -9.45
C PRO A 8 -10.41 -8.02 -9.38
N MET A 9 -10.17 -7.35 -10.51
CA MET A 9 -9.34 -6.15 -10.55
C MET A 9 -9.93 -5.03 -9.69
N HIS A 10 -11.26 -4.97 -9.54
CA HIS A 10 -11.92 -4.02 -8.63
C HIS A 10 -11.47 -4.23 -7.16
N GLN A 11 -11.40 -5.49 -6.69
CA GLN A 11 -10.98 -5.82 -5.32
C GLN A 11 -9.48 -5.57 -5.10
N ARG A 12 -8.64 -5.89 -6.10
CA ARG A 12 -7.20 -5.60 -6.11
C ARG A 12 -6.93 -4.09 -6.07
N SER A 13 -7.56 -3.32 -6.95
CA SER A 13 -7.47 -1.86 -6.97
C SER A 13 -8.03 -1.22 -5.70
N GLN A 14 -9.03 -1.83 -5.05
CA GLN A 14 -9.49 -1.40 -3.73
C GLN A 14 -8.46 -1.69 -2.62
N ASN A 15 -7.76 -2.84 -2.64
CA ASN A 15 -6.70 -3.11 -1.67
C ASN A 15 -5.48 -2.19 -1.89
N VAL A 16 -5.20 -1.80 -3.14
CA VAL A 16 -4.24 -0.72 -3.47
C VAL A 16 -4.73 0.64 -2.93
N ALA A 17 -6.02 1.00 -3.04
CA ALA A 17 -6.51 2.30 -2.55
C ALA A 17 -6.31 2.50 -1.03
N GLU A 18 -6.46 1.43 -0.25
CA GLU A 18 -6.16 1.39 1.19
C GLU A 18 -4.68 1.66 1.51
N LEU A 19 -3.77 1.14 0.69
CA LEU A 19 -2.32 1.39 0.73
C LEU A 19 -1.96 2.80 0.22
N LEU A 20 -2.56 3.21 -0.90
CA LEU A 20 -2.33 4.48 -1.59
C LEU A 20 -2.59 5.64 -0.62
N THR A 21 -3.71 5.59 0.11
CA THR A 21 -4.10 6.61 1.10
C THR A 21 -3.10 6.72 2.26
N VAL A 22 -2.46 5.61 2.66
CA VAL A 22 -1.41 5.61 3.69
C VAL A 22 -0.09 6.18 3.14
N LEU A 23 0.32 5.83 1.91
CA LEU A 23 1.51 6.42 1.28
C LEU A 23 1.32 7.92 0.96
N MET A 24 0.10 8.33 0.58
CA MET A 24 -0.29 9.73 0.45
C MET A 24 -0.23 10.46 1.79
N ASP A 25 -0.50 9.79 2.92
CA ASP A 25 -0.32 10.39 4.24
C ASP A 25 1.15 10.72 4.52
N ILE A 26 2.10 9.88 4.08
CA ILE A 26 3.54 10.15 4.18
C ILE A 26 3.83 11.46 3.44
N ASN A 27 3.27 11.60 2.24
CA ASN A 27 3.52 12.74 1.37
C ASN A 27 2.90 14.04 1.89
N LYS A 28 1.70 13.98 2.50
CA LYS A 28 1.02 15.11 3.15
C LYS A 28 1.64 15.52 4.49
N ILE A 29 2.26 14.59 5.21
CA ILE A 29 3.05 14.88 6.42
C ILE A 29 4.40 15.52 6.04
N ASN A 30 5.11 14.91 5.08
CA ASN A 30 6.46 15.29 4.65
C ASN A 30 6.50 16.57 3.78
N GLY A 31 5.37 17.02 3.25
CA GLY A 31 5.31 18.12 2.28
C GLY A 31 5.96 17.77 0.95
N GLY A 32 5.98 16.49 0.56
CA GLY A 32 6.55 16.04 -0.69
C GLY A 32 5.79 16.61 -1.90
N ASP A 33 6.54 16.94 -2.94
CA ASP A 33 6.04 17.53 -4.19
C ASP A 33 4.95 16.69 -4.90
N SER A 34 4.19 17.31 -5.82
CA SER A 34 3.27 16.61 -6.75
C SER A 34 3.95 15.45 -7.49
N THR A 35 5.22 15.62 -7.86
CA THR A 35 6.05 14.56 -8.47
C THR A 35 6.25 13.37 -7.52
N THR A 36 6.41 13.64 -6.23
CA THR A 36 6.51 12.62 -5.18
C THR A 36 5.16 11.97 -4.88
N ALA A 37 4.06 12.72 -4.91
CA ALA A 37 2.70 12.16 -4.82
C ALA A 37 2.41 11.19 -6.00
N GLU A 38 2.88 11.54 -7.20
CA GLU A 38 2.87 10.64 -8.37
C GLU A 38 3.74 9.38 -8.17
N LYS A 39 4.89 9.48 -7.48
CA LYS A 39 5.66 8.30 -7.03
C LYS A 39 4.92 7.45 -5.98
N MET A 40 4.14 8.04 -5.07
CA MET A 40 3.31 7.25 -4.14
C MET A 40 2.26 6.41 -4.88
N LYS A 41 1.64 6.97 -5.93
CA LYS A 41 0.76 6.21 -6.84
C LYS A 41 1.51 5.06 -7.53
N VAL A 42 2.71 5.31 -8.07
CA VAL A 42 3.57 4.28 -8.70
C VAL A 42 4.00 3.19 -7.71
N HIS A 43 4.33 3.54 -6.46
CA HIS A 43 4.72 2.61 -5.40
C HIS A 43 3.53 1.73 -5.01
N ALA A 44 2.33 2.30 -5.00
CA ALA A 44 1.10 1.59 -4.67
C ALA A 44 0.65 0.63 -5.78
N LYS A 45 0.66 1.08 -7.04
CA LYS A 45 0.39 0.28 -8.24
C LYS A 45 1.48 -0.77 -8.48
N SER A 46 2.71 -0.50 -8.05
CA SER A 46 3.77 -1.51 -7.96
C SER A 46 3.44 -2.56 -6.91
N PHE A 47 2.87 -2.20 -5.76
CA PHE A 47 2.65 -3.16 -4.69
C PHE A 47 1.68 -4.29 -5.05
N GLU A 48 0.59 -4.02 -5.79
CA GLU A 48 -0.27 -5.10 -6.31
C GLU A 48 0.44 -5.97 -7.35
N ALA A 49 1.22 -5.38 -8.27
CA ALA A 49 1.94 -6.11 -9.30
C ALA A 49 3.08 -6.97 -8.72
N ALA A 50 3.81 -6.43 -7.74
CA ALA A 50 4.86 -7.11 -7.00
C ALA A 50 4.33 -8.29 -6.19
N LEU A 51 3.11 -8.16 -5.66
CA LEU A 51 2.43 -9.25 -4.97
C LEU A 51 1.83 -10.26 -5.96
N PHE A 52 1.29 -9.82 -7.10
CA PHE A 52 0.85 -10.67 -8.22
C PHE A 52 1.97 -11.58 -8.74
N GLU A 53 3.23 -11.13 -8.68
CA GLU A 53 4.42 -11.93 -9.04
C GLU A 53 4.71 -13.09 -8.05
N LYS A 54 4.26 -13.00 -6.79
CA LYS A 54 4.40 -14.03 -5.73
C LYS A 54 3.09 -14.59 -5.14
N SER A 55 1.96 -14.26 -5.78
CA SER A 55 0.55 -14.51 -5.41
C SER A 55 0.09 -15.97 -5.25
N SER A 56 0.95 -16.92 -4.90
CA SER A 56 0.73 -18.38 -4.93
C SER A 56 -0.45 -18.93 -4.08
N SER A 57 -1.19 -18.08 -3.37
CA SER A 57 -2.53 -18.34 -2.83
C SER A 57 -3.25 -17.02 -2.49
N LYS A 58 -4.59 -16.98 -2.56
CA LYS A 58 -5.36 -15.76 -2.21
C LYS A 58 -5.16 -15.34 -0.75
N GLU A 59 -5.13 -16.30 0.17
CA GLU A 59 -4.87 -16.00 1.58
C GLU A 59 -3.54 -15.25 1.75
N GLU A 60 -2.48 -15.67 1.06
CA GLU A 60 -1.17 -15.01 1.11
C GLU A 60 -1.17 -13.61 0.50
N TYR A 61 -1.86 -13.42 -0.63
CA TYR A 61 -2.03 -12.10 -1.25
C TYR A 61 -2.76 -11.16 -0.26
N GLN A 62 -3.90 -11.60 0.28
CA GLN A 62 -4.69 -10.78 1.21
C GLN A 62 -3.96 -10.51 2.53
N LYS A 63 -3.26 -11.50 3.12
CA LYS A 63 -2.53 -11.37 4.39
C LYS A 63 -1.23 -10.57 4.25
N THR A 64 -0.50 -10.73 3.15
CA THR A 64 0.75 -9.97 2.90
C THR A 64 0.46 -8.50 2.64
N MET A 65 -0.58 -8.18 1.86
CA MET A 65 -0.92 -6.77 1.63
C MET A 65 -1.37 -6.09 2.93
N LYS A 66 -2.15 -6.77 3.77
CA LYS A 66 -2.52 -6.28 5.11
C LYS A 66 -1.31 -6.17 6.04
N SER A 67 -0.36 -7.12 5.98
CA SER A 67 0.90 -7.08 6.75
C SER A 67 1.73 -5.83 6.42
N LYS A 68 1.89 -5.50 5.12
CA LYS A 68 2.62 -4.30 4.70
C LYS A 68 1.84 -3.00 4.91
N ILE A 69 0.51 -2.97 4.72
CA ILE A 69 -0.31 -1.80 5.08
C ILE A 69 -0.22 -1.52 6.59
N ASP A 70 -0.25 -2.57 7.43
CA ASP A 70 -0.07 -2.47 8.88
C ASP A 70 1.32 -1.93 9.28
N ALA A 71 2.37 -2.28 8.53
CA ALA A 71 3.71 -1.70 8.70
C ALA A 71 3.79 -0.25 8.19
N MET A 72 3.19 0.07 7.03
CA MET A 72 3.15 1.42 6.47
C MET A 72 2.30 2.38 7.32
N ARG A 73 1.27 1.88 8.03
CA ARG A 73 0.57 2.61 9.11
C ARG A 73 1.52 2.95 10.25
N SER A 74 2.44 2.05 10.63
CA SER A 74 3.51 2.36 11.59
C SER A 74 4.47 3.42 11.06
N THR A 75 4.85 3.36 9.78
CA THR A 75 5.74 4.35 9.14
C THR A 75 5.09 5.73 9.11
N ARG A 76 3.82 5.83 8.69
CA ARG A 76 2.95 7.01 8.79
C ARG A 76 2.93 7.58 10.20
N ASP A 77 2.73 6.72 11.19
CA ASP A 77 2.59 7.10 12.58
C ASP A 77 3.90 7.71 13.09
N LYS A 78 5.04 7.19 12.63
CA LYS A 78 6.38 7.70 12.90
C LYS A 78 6.65 9.05 12.24
N ARG A 79 6.28 9.18 10.97
CA ARG A 79 6.28 10.48 10.28
C ARG A 79 5.46 11.53 11.04
N LYS A 80 4.43 11.14 11.82
CA LYS A 80 3.63 12.10 12.62
C LYS A 80 4.41 12.54 13.88
N ARG A 81 5.14 11.61 14.50
CA ARG A 81 6.02 11.83 15.66
C ARG A 81 7.22 12.72 15.32
N GLU A 82 7.64 12.69 14.07
CA GLU A 82 8.63 13.60 13.48
C GLU A 82 8.02 14.93 12.97
N SER A 83 6.71 15.00 12.75
CA SER A 83 6.01 16.21 12.28
C SER A 83 5.60 17.13 13.44
N VAL A 84 5.24 16.58 14.60
CA VAL A 84 5.09 17.33 15.87
C VAL A 84 6.26 17.13 16.85
N GLY A 85 7.37 16.58 16.33
CA GLY A 85 8.70 16.58 16.95
C GLY A 85 8.88 15.83 18.28
N SER A 86 7.89 15.00 18.68
CA SER A 86 7.83 14.29 19.96
C SER A 86 7.17 12.93 19.82
N MET A 1 -12.97 -23.06 -2.37
CA MET A 1 -13.81 -22.06 -3.07
C MET A 1 -13.04 -21.39 -4.20
N SER A 2 -13.65 -21.29 -5.38
CA SER A 2 -13.09 -20.70 -6.62
C SER A 2 -12.55 -19.28 -6.45
N SER A 3 -13.11 -18.50 -5.51
CA SER A 3 -12.71 -17.14 -5.15
C SER A 3 -11.24 -17.05 -4.67
N LYS A 4 -10.72 -18.10 -4.02
CA LYS A 4 -9.30 -18.22 -3.63
C LYS A 4 -8.37 -18.21 -4.85
N GLU A 5 -8.83 -18.83 -5.94
CA GLU A 5 -8.09 -19.09 -7.19
C GLU A 5 -8.26 -18.00 -8.25
N THR A 6 -9.37 -17.26 -8.19
CA THR A 6 -9.93 -16.46 -9.31
C THR A 6 -10.16 -14.99 -8.92
N ILE A 7 -9.43 -14.51 -7.91
CA ILE A 7 -9.52 -13.22 -7.23
C ILE A 7 -9.66 -12.02 -8.20
N PRO A 8 -10.72 -11.19 -8.08
CA PRO A 8 -10.97 -10.07 -8.99
C PRO A 8 -9.94 -8.92 -8.89
N MET A 9 -9.57 -8.33 -10.03
CA MET A 9 -8.72 -7.13 -10.10
C MET A 9 -9.31 -5.93 -9.34
N HIS A 10 -10.65 -5.83 -9.25
CA HIS A 10 -11.32 -4.78 -8.48
C HIS A 10 -11.01 -4.91 -6.98
N GLN A 11 -10.96 -6.13 -6.44
CA GLN A 11 -10.59 -6.38 -5.06
C GLN A 11 -9.09 -6.11 -4.83
N ARG A 12 -8.22 -6.43 -5.81
CA ARG A 12 -6.81 -6.00 -5.77
C ARG A 12 -6.69 -4.49 -5.69
N SER A 13 -7.44 -3.76 -6.52
CA SER A 13 -7.49 -2.30 -6.51
C SER A 13 -8.07 -1.73 -5.21
N GLN A 14 -9.05 -2.38 -4.57
CA GLN A 14 -9.53 -2.00 -3.22
C GLN A 14 -8.43 -2.14 -2.15
N ASN A 15 -7.57 -3.16 -2.26
CA ASN A 15 -6.39 -3.33 -1.40
C ASN A 15 -5.31 -2.25 -1.71
N VAL A 16 -5.05 -1.95 -3.00
CA VAL A 16 -4.12 -0.88 -3.43
C VAL A 16 -4.60 0.49 -2.96
N ALA A 17 -5.89 0.80 -3.03
CA ALA A 17 -6.46 2.08 -2.60
C ALA A 17 -6.21 2.36 -1.10
N GLU A 18 -6.21 1.31 -0.27
CA GLU A 18 -5.98 1.38 1.16
C GLU A 18 -4.50 1.67 1.50
N LEU A 19 -3.57 1.10 0.71
CA LEU A 19 -2.14 1.42 0.68
C LEU A 19 -1.87 2.85 0.18
N LEU A 20 -2.50 3.23 -0.94
CA LEU A 20 -2.35 4.52 -1.61
C LEU A 20 -2.72 5.67 -0.65
N THR A 21 -3.86 5.53 0.05
CA THR A 21 -4.37 6.48 1.04
C THR A 21 -3.42 6.67 2.24
N VAL A 22 -2.63 5.65 2.62
CA VAL A 22 -1.57 5.79 3.63
C VAL A 22 -0.34 6.50 3.07
N LEU A 23 0.13 6.18 1.86
CA LEU A 23 1.26 6.89 1.25
C LEU A 23 0.94 8.38 0.97
N MET A 24 -0.31 8.67 0.59
CA MET A 24 -0.88 10.01 0.46
C MET A 24 -0.89 10.78 1.79
N ASP A 25 -1.00 10.07 2.92
CA ASP A 25 -0.88 10.67 4.25
C ASP A 25 0.58 11.04 4.59
N ILE A 26 1.57 10.27 4.14
CA ILE A 26 3.01 10.61 4.29
C ILE A 26 3.30 11.91 3.54
N ASN A 27 2.71 12.07 2.36
CA ASN A 27 2.90 13.25 1.50
C ASN A 27 2.43 14.55 2.19
N LYS A 28 1.43 14.49 3.08
CA LYS A 28 1.06 15.60 3.98
C LYS A 28 2.03 15.75 5.16
N ILE A 29 2.29 14.66 5.89
CA ILE A 29 3.10 14.67 7.13
C ILE A 29 4.51 15.23 6.91
N ASN A 30 5.16 14.88 5.79
CA ASN A 30 6.51 15.35 5.41
C ASN A 30 6.52 16.63 4.52
N GLY A 31 5.36 17.14 4.09
CA GLY A 31 5.25 18.31 3.19
C GLY A 31 5.74 18.08 1.77
N GLY A 32 5.53 16.86 1.26
CA GLY A 32 5.87 16.47 -0.10
C GLY A 32 5.04 17.16 -1.18
N ASP A 33 5.57 17.07 -2.39
CA ASP A 33 5.01 17.57 -3.66
C ASP A 33 4.18 16.53 -4.44
N SER A 34 3.41 17.01 -5.44
CA SER A 34 2.64 16.20 -6.40
C SER A 34 3.51 15.25 -7.23
N THR A 35 4.73 15.63 -7.60
CA THR A 35 5.68 14.78 -8.32
C THR A 35 6.12 13.57 -7.48
N THR A 36 6.43 13.79 -6.20
CA THR A 36 6.75 12.74 -5.23
C THR A 36 5.53 11.84 -4.95
N ALA A 37 4.30 12.38 -5.00
CA ALA A 37 3.06 11.60 -4.92
C ALA A 37 2.78 10.75 -6.18
N GLU A 38 3.09 11.24 -7.37
CA GLU A 38 3.08 10.44 -8.61
C GLU A 38 4.03 9.23 -8.56
N LYS A 39 5.17 9.39 -7.87
CA LYS A 39 6.13 8.31 -7.56
C LYS A 39 5.65 7.38 -6.44
N MET A 40 4.81 7.84 -5.50
CA MET A 40 4.07 6.95 -4.57
C MET A 40 3.00 6.11 -5.29
N LYS A 41 2.26 6.70 -6.24
CA LYS A 41 1.35 5.95 -7.14
C LYS A 41 2.07 4.80 -7.86
N VAL A 42 3.28 5.03 -8.36
CA VAL A 42 4.14 4.01 -8.96
C VAL A 42 4.59 2.93 -7.96
N HIS A 43 4.83 3.26 -6.67
CA HIS A 43 5.15 2.26 -5.65
C HIS A 43 3.93 1.36 -5.43
N ALA A 44 2.74 1.95 -5.32
CA ALA A 44 1.50 1.23 -5.09
C ALA A 44 1.14 0.25 -6.24
N LYS A 45 1.24 0.72 -7.50
CA LYS A 45 1.03 -0.10 -8.70
C LYS A 45 2.05 -1.24 -8.83
N SER A 46 3.33 -0.92 -8.65
CA SER A 46 4.40 -1.94 -8.73
C SER A 46 4.33 -2.97 -7.61
N PHE A 47 3.78 -2.63 -6.43
CA PHE A 47 3.54 -3.57 -5.35
C PHE A 47 2.43 -4.59 -5.68
N GLU A 48 1.23 -4.17 -6.17
CA GLU A 48 0.24 -5.18 -6.58
C GLU A 48 0.70 -6.01 -7.79
N ALA A 49 1.53 -5.44 -8.68
CA ALA A 49 2.13 -6.19 -9.78
C ALA A 49 3.21 -7.21 -9.34
N ALA A 50 3.89 -6.98 -8.22
CA ALA A 50 4.80 -7.97 -7.62
C ALA A 50 4.03 -9.08 -6.91
N LEU A 51 3.02 -8.68 -6.13
CA LEU A 51 2.22 -9.57 -5.31
C LEU A 51 1.29 -10.46 -6.14
N PHE A 52 0.81 -9.98 -7.29
CA PHE A 52 -0.01 -10.76 -8.22
C PHE A 52 0.68 -12.05 -8.69
N GLU A 53 2.00 -12.03 -8.93
CA GLU A 53 2.77 -13.20 -9.35
C GLU A 53 2.97 -14.27 -8.26
N LYS A 54 2.66 -13.93 -7.00
CA LYS A 54 2.64 -14.82 -5.81
C LYS A 54 1.26 -14.92 -5.12
N SER A 55 0.21 -14.40 -5.76
CA SER A 55 -1.20 -14.33 -5.33
C SER A 55 -1.95 -15.68 -5.23
N SER A 56 -1.23 -16.79 -5.05
CA SER A 56 -1.74 -18.16 -5.22
C SER A 56 -2.82 -18.57 -4.21
N SER A 57 -3.09 -17.73 -3.21
CA SER A 57 -4.32 -17.69 -2.42
C SER A 57 -4.76 -16.23 -2.20
N LYS A 58 -6.07 -15.99 -2.20
CA LYS A 58 -6.66 -14.70 -1.79
C LYS A 58 -6.27 -14.34 -0.36
N GLU A 59 -6.24 -15.32 0.56
CA GLU A 59 -5.81 -15.08 1.94
C GLU A 59 -4.40 -14.51 2.01
N GLU A 60 -3.46 -15.09 1.26
CA GLU A 60 -2.06 -14.65 1.24
C GLU A 60 -1.89 -13.29 0.56
N TYR A 61 -2.60 -13.03 -0.55
CA TYR A 61 -2.61 -11.72 -1.18
C TYR A 61 -3.10 -10.64 -0.20
N GLN A 62 -4.26 -10.86 0.44
CA GLN A 62 -4.84 -9.87 1.34
C GLN A 62 -4.04 -9.73 2.66
N LYS A 63 -3.48 -10.84 3.20
CA LYS A 63 -2.62 -10.80 4.39
C LYS A 63 -1.29 -10.10 4.11
N THR A 64 -0.73 -10.24 2.89
CA THR A 64 0.51 -9.55 2.49
C THR A 64 0.27 -8.07 2.18
N MET A 65 -0.86 -7.72 1.55
CA MET A 65 -1.26 -6.33 1.42
C MET A 65 -1.42 -5.67 2.80
N LYS A 66 -2.13 -6.32 3.74
CA LYS A 66 -2.22 -5.88 5.15
C LYS A 66 -0.82 -5.78 5.79
N SER A 67 0.08 -6.75 5.56
CA SER A 67 1.47 -6.73 6.06
C SER A 67 2.26 -5.49 5.62
N LYS A 68 2.18 -5.09 4.34
CA LYS A 68 2.84 -3.87 3.83
C LYS A 68 2.14 -2.59 4.29
N ILE A 69 0.80 -2.59 4.33
CA ILE A 69 0.00 -1.46 4.82
C ILE A 69 0.26 -1.20 6.30
N ASP A 70 0.33 -2.23 7.15
CA ASP A 70 0.55 -2.08 8.60
C ASP A 70 1.99 -1.67 8.95
N ALA A 71 2.98 -2.11 8.15
CA ALA A 71 4.35 -1.57 8.22
C ALA A 71 4.37 -0.07 7.87
N MET A 72 3.70 0.33 6.78
CA MET A 72 3.57 1.74 6.39
C MET A 72 2.71 2.56 7.36
N ARG A 73 1.69 1.97 8.00
CA ARG A 73 0.88 2.59 9.06
C ARG A 73 1.71 2.86 10.32
N SER A 74 2.60 1.92 10.66
CA SER A 74 3.59 2.09 11.73
C SER A 74 4.59 3.21 11.38
N THR A 75 5.10 3.23 10.15
CA THR A 75 6.02 4.27 9.63
C THR A 75 5.36 5.64 9.54
N ARG A 76 4.09 5.75 9.16
CA ARG A 76 3.29 6.98 9.12
C ARG A 76 3.20 7.64 10.50
N ASP A 77 3.08 6.82 11.55
CA ASP A 77 3.09 7.30 12.94
C ASP A 77 4.51 7.66 13.41
N LYS A 78 5.53 6.96 12.90
CA LYS A 78 6.94 7.30 13.15
C LYS A 78 7.29 8.65 12.56
N ARG A 79 6.95 8.87 11.29
CA ARG A 79 6.98 10.18 10.62
C ARG A 79 6.14 11.24 11.35
N LYS A 80 5.13 10.86 12.14
CA LYS A 80 4.30 11.81 12.90
C LYS A 80 5.02 12.28 14.17
N ARG A 81 5.59 11.35 14.94
CA ARG A 81 6.33 11.61 16.19
C ARG A 81 7.75 12.11 15.99
N GLU A 82 8.31 11.87 14.81
CA GLU A 82 9.52 12.53 14.29
C GLU A 82 9.22 13.84 13.55
N SER A 83 7.95 14.23 13.42
CA SER A 83 7.58 15.60 12.99
C SER A 83 7.28 16.50 14.20
N VAL A 84 6.45 16.04 15.14
CA VAL A 84 6.27 16.64 16.49
C VAL A 84 6.07 15.52 17.51
N GLY A 85 6.88 15.53 18.58
CA GLY A 85 6.84 14.54 19.67
C GLY A 85 8.23 14.05 20.10
N SER A 86 9.27 14.32 19.29
CA SER A 86 10.67 13.95 19.54
C SER A 86 11.57 15.18 19.63
N MET A 1 -13.21 -24.19 -10.09
CA MET A 1 -11.93 -24.76 -9.62
C MET A 1 -10.94 -23.66 -9.20
N SER A 2 -10.93 -22.49 -9.85
CA SER A 2 -9.91 -21.44 -9.68
C SER A 2 -10.40 -20.14 -9.02
N SER A 3 -11.48 -20.16 -8.23
CA SER A 3 -12.03 -18.96 -7.55
C SER A 3 -11.00 -18.13 -6.76
N LYS A 4 -10.05 -18.77 -6.06
CA LYS A 4 -8.97 -18.10 -5.30
C LYS A 4 -7.95 -17.35 -6.17
N GLU A 5 -7.80 -17.81 -7.41
CA GLU A 5 -6.88 -17.29 -8.43
C GLU A 5 -7.54 -16.23 -9.33
N THR A 6 -8.87 -16.14 -9.29
CA THR A 6 -9.73 -15.38 -10.23
C THR A 6 -10.27 -14.10 -9.57
N ILE A 7 -9.56 -13.58 -8.56
CA ILE A 7 -9.92 -12.47 -7.70
C ILE A 7 -10.22 -11.19 -8.52
N PRO A 8 -11.35 -10.50 -8.28
CA PRO A 8 -11.73 -9.30 -9.01
C PRO A 8 -10.65 -8.22 -9.04
N MET A 9 -10.36 -7.69 -10.22
CA MET A 9 -9.38 -6.59 -10.35
C MET A 9 -9.88 -5.29 -9.70
N HIS A 10 -11.20 -5.09 -9.58
CA HIS A 10 -11.77 -4.00 -8.78
C HIS A 10 -11.45 -4.16 -7.29
N GLN A 11 -11.50 -5.38 -6.74
CA GLN A 11 -11.17 -5.65 -5.34
C GLN A 11 -9.67 -5.44 -5.08
N ARG A 12 -8.78 -5.85 -6.00
CA ARG A 12 -7.35 -5.53 -5.89
C ARG A 12 -7.14 -4.02 -5.86
N SER A 13 -7.72 -3.30 -6.83
CA SER A 13 -7.62 -1.83 -6.90
C SER A 13 -8.16 -1.12 -5.66
N GLN A 14 -9.19 -1.68 -4.98
CA GLN A 14 -9.71 -1.15 -3.70
C GLN A 14 -8.79 -1.45 -2.50
N ASN A 15 -8.10 -2.59 -2.47
CA ASN A 15 -7.08 -2.90 -1.45
C ASN A 15 -5.83 -2.02 -1.62
N VAL A 16 -5.37 -1.85 -2.86
CA VAL A 16 -4.32 -0.90 -3.27
C VAL A 16 -4.70 0.53 -2.91
N ALA A 17 -5.98 0.92 -3.02
CA ALA A 17 -6.39 2.28 -2.67
C ALA A 17 -6.31 2.58 -1.16
N GLU A 18 -6.39 1.57 -0.29
CA GLU A 18 -6.18 1.71 1.15
C GLU A 18 -4.68 1.95 1.45
N LEU A 19 -3.80 1.19 0.79
CA LEU A 19 -2.34 1.42 0.76
C LEU A 19 -2.01 2.83 0.21
N LEU A 20 -2.62 3.25 -0.90
CA LEU A 20 -2.46 4.57 -1.51
C LEU A 20 -2.85 5.69 -0.53
N THR A 21 -3.97 5.52 0.19
CA THR A 21 -4.46 6.47 1.20
C THR A 21 -3.49 6.62 2.38
N VAL A 22 -2.74 5.58 2.72
CA VAL A 22 -1.64 5.63 3.70
C VAL A 22 -0.39 6.31 3.11
N LEU A 23 0.00 6.04 1.86
CA LEU A 23 1.15 6.71 1.23
C LEU A 23 0.90 8.21 0.97
N MET A 24 -0.35 8.57 0.62
CA MET A 24 -0.88 9.95 0.62
C MET A 24 -0.65 10.64 1.98
N ASP A 25 -0.84 9.90 3.08
CA ASP A 25 -0.66 10.43 4.43
C ASP A 25 0.80 10.79 4.70
N ILE A 26 1.77 9.98 4.23
CA ILE A 26 3.20 10.29 4.34
C ILE A 26 3.53 11.56 3.53
N ASN A 27 2.92 11.68 2.35
CA ASN A 27 3.14 12.80 1.45
C ASN A 27 2.66 14.12 2.08
N LYS A 28 1.49 14.13 2.73
CA LYS A 28 0.99 15.29 3.50
C LYS A 28 1.81 15.55 4.76
N ILE A 29 2.21 14.52 5.50
CA ILE A 29 3.06 14.63 6.71
C ILE A 29 4.42 15.30 6.38
N ASN A 30 5.06 14.95 5.26
CA ASN A 30 6.28 15.63 4.81
C ASN A 30 6.02 16.98 4.13
N GLY A 31 4.86 17.19 3.51
CA GLY A 31 4.63 18.30 2.57
C GLY A 31 5.30 18.06 1.22
N GLY A 32 5.18 16.83 0.71
CA GLY A 32 5.73 16.41 -0.57
C GLY A 32 5.10 17.11 -1.77
N ASP A 33 5.92 17.32 -2.79
CA ASP A 33 5.57 17.86 -4.11
C ASP A 33 4.63 16.93 -4.90
N SER A 34 3.86 17.48 -5.86
CA SER A 34 2.94 16.68 -6.70
C SER A 34 3.67 15.67 -7.61
N THR A 35 4.97 15.85 -7.90
CA THR A 35 5.82 14.83 -8.53
C THR A 35 6.08 13.65 -7.59
N THR A 36 6.32 13.91 -6.31
CA THR A 36 6.52 12.91 -5.26
C THR A 36 5.24 12.13 -4.98
N ALA A 37 4.08 12.81 -5.01
CA ALA A 37 2.76 12.17 -4.96
C ALA A 37 2.56 11.20 -6.16
N GLU A 38 2.94 11.63 -7.36
CA GLU A 38 2.90 10.78 -8.57
C GLU A 38 3.88 9.58 -8.49
N LYS A 39 5.04 9.72 -7.84
CA LYS A 39 6.01 8.63 -7.60
C LYS A 39 5.63 7.66 -6.47
N MET A 40 4.90 8.08 -5.43
CA MET A 40 4.37 7.13 -4.43
C MET A 40 3.14 6.34 -4.95
N LYS A 41 2.35 6.92 -5.85
CA LYS A 41 1.33 6.18 -6.63
C LYS A 41 1.94 4.99 -7.42
N VAL A 42 3.10 5.22 -8.03
CA VAL A 42 3.91 4.18 -8.72
C VAL A 42 4.47 3.12 -7.76
N HIS A 43 4.74 3.47 -6.49
CA HIS A 43 5.28 2.57 -5.47
C HIS A 43 4.21 1.56 -5.03
N ALA A 44 2.95 2.01 -4.90
CA ALA A 44 1.82 1.12 -4.68
C ALA A 44 1.63 0.12 -5.83
N LYS A 45 1.66 0.60 -7.09
CA LYS A 45 1.55 -0.25 -8.29
C LYS A 45 2.68 -1.28 -8.40
N SER A 46 3.89 -0.92 -7.99
CA SER A 46 5.05 -1.84 -7.93
C SER A 46 4.87 -2.90 -6.85
N PHE A 47 4.32 -2.55 -5.67
CA PHE A 47 3.98 -3.53 -4.63
C PHE A 47 2.88 -4.51 -5.09
N GLU A 48 1.82 -3.98 -5.70
CA GLU A 48 0.68 -4.72 -6.27
C GLU A 48 1.13 -5.79 -7.26
N ALA A 49 1.87 -5.33 -8.27
CA ALA A 49 2.39 -6.14 -9.36
C ALA A 49 3.38 -7.22 -8.91
N ALA A 50 4.15 -6.94 -7.86
CA ALA A 50 5.08 -7.91 -7.27
C ALA A 50 4.34 -8.96 -6.44
N LEU A 51 3.28 -8.57 -5.74
CA LEU A 51 2.46 -9.48 -4.93
C LEU A 51 1.53 -10.35 -5.79
N PHE A 52 0.96 -9.78 -6.86
CA PHE A 52 0.19 -10.50 -7.88
C PHE A 52 1.02 -11.59 -8.57
N GLU A 53 2.34 -11.47 -8.58
CA GLU A 53 3.23 -12.54 -9.07
C GLU A 53 3.31 -13.78 -8.16
N LYS A 54 2.95 -13.67 -6.86
CA LYS A 54 2.88 -14.79 -5.88
C LYS A 54 1.50 -15.03 -5.23
N SER A 55 0.44 -14.42 -5.76
CA SER A 55 -0.95 -14.42 -5.25
C SER A 55 -1.76 -15.73 -5.34
N SER A 56 -1.11 -16.91 -5.48
CA SER A 56 -1.80 -18.17 -5.84
C SER A 56 -2.82 -18.72 -4.82
N SER A 57 -2.92 -18.12 -3.64
CA SER A 57 -4.14 -18.10 -2.83
C SER A 57 -4.48 -16.65 -2.42
N LYS A 58 -5.77 -16.27 -2.52
CA LYS A 58 -6.28 -14.95 -2.11
C LYS A 58 -5.98 -14.66 -0.64
N GLU A 59 -6.02 -15.66 0.23
CA GLU A 59 -5.65 -15.53 1.65
C GLU A 59 -4.22 -14.99 1.84
N GLU A 60 -3.24 -15.41 1.02
CA GLU A 60 -1.85 -14.94 1.11
C GLU A 60 -1.67 -13.53 0.52
N TYR A 61 -2.32 -13.24 -0.61
CA TYR A 61 -2.36 -11.87 -1.18
C TYR A 61 -2.98 -10.90 -0.15
N GLN A 62 -4.11 -11.25 0.46
CA GLN A 62 -4.76 -10.44 1.48
C GLN A 62 -3.86 -10.28 2.73
N LYS A 63 -3.30 -11.36 3.29
CA LYS A 63 -2.40 -11.29 4.47
C LYS A 63 -1.13 -10.47 4.21
N THR A 64 -0.54 -10.57 3.01
CA THR A 64 0.68 -9.82 2.69
C THR A 64 0.37 -8.34 2.48
N MET A 65 -0.74 -8.01 1.80
CA MET A 65 -1.26 -6.64 1.74
C MET A 65 -1.51 -6.09 3.15
N LYS A 66 -2.22 -6.84 4.03
CA LYS A 66 -2.48 -6.44 5.42
C LYS A 66 -1.17 -6.19 6.18
N SER A 67 -0.19 -7.10 6.09
CA SER A 67 1.09 -7.02 6.77
C SER A 67 1.88 -5.76 6.38
N LYS A 68 1.97 -5.46 5.08
CA LYS A 68 2.67 -4.27 4.57
C LYS A 68 1.88 -2.97 4.79
N ILE A 69 0.56 -2.99 4.69
CA ILE A 69 -0.32 -1.87 5.09
C ILE A 69 -0.13 -1.57 6.57
N ASP A 70 -0.08 -2.55 7.45
CA ASP A 70 0.14 -2.36 8.89
C ASP A 70 1.54 -1.79 9.21
N ALA A 71 2.58 -2.22 8.48
CA ALA A 71 3.91 -1.62 8.54
C ALA A 71 3.89 -0.16 8.03
N MET A 72 3.12 0.16 6.98
CA MET A 72 3.00 1.51 6.43
C MET A 72 2.14 2.44 7.31
N ARG A 73 1.06 1.94 7.93
CA ARG A 73 0.30 2.65 8.99
C ARG A 73 1.22 3.01 10.14
N SER A 74 2.02 2.04 10.60
CA SER A 74 3.07 2.27 11.62
C SER A 74 4.12 3.27 11.12
N THR A 75 4.44 3.26 9.83
CA THR A 75 5.39 4.20 9.22
C THR A 75 4.84 5.64 9.18
N ARG A 76 3.52 5.88 9.05
CA ARG A 76 2.90 7.23 9.17
C ARG A 76 3.35 7.94 10.44
N ASP A 77 3.28 7.18 11.53
CA ASP A 77 3.57 7.64 12.89
C ASP A 77 5.06 7.93 13.07
N LYS A 78 5.92 7.06 12.51
CA LYS A 78 7.37 7.27 12.52
C LYS A 78 7.78 8.50 11.74
N ARG A 79 7.30 8.58 10.51
CA ARG A 79 7.46 9.74 9.64
C ARG A 79 6.84 11.01 10.23
N LYS A 80 5.91 10.90 11.20
CA LYS A 80 5.35 12.07 11.90
C LYS A 80 6.29 12.57 13.00
N ARG A 81 6.86 11.64 13.78
CA ARG A 81 7.84 11.91 14.84
C ARG A 81 9.20 12.33 14.29
N GLU A 82 9.52 11.87 13.09
CA GLU A 82 10.61 12.36 12.22
C GLU A 82 10.31 13.74 11.60
N SER A 83 9.05 14.19 11.58
CA SER A 83 8.65 15.49 10.98
C SER A 83 8.46 16.63 11.99
N VAL A 84 8.50 16.33 13.30
CA VAL A 84 8.72 17.26 14.44
C VAL A 84 7.64 18.32 14.70
N GLY A 85 6.80 18.70 13.73
CA GLY A 85 5.83 19.80 13.84
C GLY A 85 4.72 19.66 14.89
N SER A 86 4.62 18.49 15.54
CA SER A 86 3.91 18.22 16.81
C SER A 86 2.53 18.87 16.95
#